data_1KIC
#
_entry.id   1KIC
#
_cell.length_a   54.35
_cell.length_b   74.62
_cell.length_c   73.02
_cell.angle_alpha   90
_cell.angle_beta   98.31
_cell.angle_gamma   90
#
_symmetry.space_group_name_H-M   'P 1 21 1'
#
loop_
_entity.id
_entity.type
_entity.pdbx_description
1 polymer 'inosine-adenosine-guanosine preferring nucleoside hydrolase'
2 non-polymer 'CALCIUM ION'
3 non-polymer 'NICKEL (II) ION'
4 non-polymer INOSINE
5 water water
#
_entity_poly.entity_id   1
_entity_poly.type   'polypeptide(L)'
_entity_poly.pdbx_seq_one_letter_code
;MRGSPHHHHHHGSAKNVVLDHAGNLDDFVAMVLLASNTEKVRLIGALCTDADCFVENGFNVTGKIMCLMHNNMNLPLFPI
GKSAATAVNPFPKEWRCLAKNMDDMPILNIPENVELWDKIKAENEKYEGQQLLADLVMNSEEKVTICVTGPLSNVAWCID
KYGEKFTSKVEECVIMGGAVDVRGNVFLPSTDGTAEWNIYWDPASAKTVFGCPGLRRIMFSLDSTNTVPVRSPYVQRFGE
QTNFLLSILVGTMWAMCTHCELLRDGDGYYAWDALTAAYVVDQKVANVDPVPIDVVVDKQPNEGATVRTDAENYPLTFVA
RNPEAEFFLDMLLRSARAC
;
_entity_poly.pdbx_strand_id   A,B
#
loop_
_chem_comp.id
_chem_comp.type
_chem_comp.name
_chem_comp.formula
CA non-polymer 'CALCIUM ION' 'Ca 2'
NI non-polymer 'NICKEL (II) ION' 'Ni 2'
NOS non-polymer INOSINE 'C10 H12 N4 O5'
#
# COMPACT_ATOMS: atom_id res chain seq x y z
N SER A 13 17.27 33.82 -4.78
CA SER A 13 16.09 33.31 -5.56
C SER A 13 15.33 32.19 -4.84
N ALA A 14 15.99 31.08 -4.51
CA ALA A 14 15.29 30.02 -3.79
C ALA A 14 15.34 30.41 -2.32
N LYS A 15 14.37 29.95 -1.54
CA LYS A 15 14.39 30.26 -0.14
C LYS A 15 14.62 28.98 0.66
N ASN A 16 15.29 29.14 1.80
CA ASN A 16 15.58 28.03 2.68
C ASN A 16 14.31 27.45 3.28
N VAL A 17 14.19 26.13 3.25
CA VAL A 17 13.02 25.46 3.81
C VAL A 17 13.43 24.22 4.62
N VAL A 18 12.77 23.98 5.74
CA VAL A 18 12.98 22.74 6.53
C VAL A 18 11.61 22.05 6.57
N LEU A 19 11.59 20.74 6.28
CA LEU A 19 10.35 19.96 6.32
C LEU A 19 10.26 19.22 7.66
N ASP A 20 9.20 19.44 8.43
CA ASP A 20 9.01 18.81 9.76
C ASP A 20 7.77 17.92 9.55
N HIS A 21 7.98 16.62 9.43
CA HIS A 21 6.88 15.72 9.01
C HIS A 21 6.65 14.50 9.86
N ALA A 22 5.58 13.77 9.57
CA ALA A 22 5.21 12.61 10.37
C ALA A 22 5.24 11.29 9.62
N GLY A 23 5.88 11.26 8.46
CA GLY A 23 6.07 10.00 7.76
C GLY A 23 4.93 9.23 7.14
N ASN A 24 3.81 9.88 6.87
CA ASN A 24 2.75 9.14 6.19
C ASN A 24 2.90 9.44 4.70
N LEU A 25 2.07 8.79 3.88
CA LEU A 25 2.19 8.95 2.44
C LEU A 25 2.13 10.41 1.99
N ASP A 26 1.20 11.21 2.52
CA ASP A 26 1.21 12.58 2.04
C ASP A 26 2.37 13.42 2.51
N ASP A 27 3.00 13.07 3.65
CA ASP A 27 4.18 13.80 4.12
C ASP A 27 5.26 13.60 3.03
N PHE A 28 5.34 12.37 2.49
CA PHE A 28 6.32 12.10 1.43
C PHE A 28 5.99 12.75 0.11
N VAL A 29 4.70 12.89 -0.23
CA VAL A 29 4.40 13.61 -1.47
C VAL A 29 4.82 15.08 -1.27
N ALA A 30 4.60 15.63 -0.07
CA ALA A 30 4.99 17.01 0.24
C ALA A 30 6.51 17.15 0.06
N MET A 31 7.24 16.17 0.59
CA MET A 31 8.70 16.19 0.46
C MET A 31 9.11 16.26 -1.00
N VAL A 32 8.49 15.44 -1.85
CA VAL A 32 8.86 15.45 -3.27
C VAL A 32 8.53 16.79 -3.89
N LEU A 33 7.39 17.37 -3.53
CA LEU A 33 7.08 18.70 -4.08
C LEU A 33 8.11 19.74 -3.69
N LEU A 34 8.51 19.77 -2.42
CA LEU A 34 9.49 20.78 -1.98
C LEU A 34 10.82 20.53 -2.66
N ALA A 35 11.26 19.28 -2.65
CA ALA A 35 12.57 18.96 -3.20
C ALA A 35 12.67 19.12 -4.71
N SER A 36 11.60 18.80 -5.44
CA SER A 36 11.70 18.91 -6.88
C SER A 36 11.67 20.31 -7.42
N ASN A 37 11.21 21.28 -6.64
CA ASN A 37 11.08 22.66 -7.15
C ASN A 37 12.27 23.51 -6.71
N THR A 38 13.44 23.16 -7.22
CA THR A 38 14.65 23.89 -6.81
C THR A 38 14.74 25.35 -7.18
N GLU A 39 13.96 25.81 -8.15
CA GLU A 39 14.02 27.24 -8.49
C GLU A 39 13.44 28.03 -7.33
N LYS A 40 12.48 27.43 -6.64
CA LYS A 40 11.76 28.08 -5.53
C LYS A 40 12.14 27.72 -4.10
N VAL A 41 12.63 26.50 -3.93
CA VAL A 41 12.93 25.95 -2.62
C VAL A 41 14.33 25.33 -2.48
N ARG A 42 15.04 25.72 -1.44
CA ARG A 42 16.33 25.12 -1.12
C ARG A 42 16.01 24.34 0.17
N LEU A 43 15.92 23.01 0.06
CA LEU A 43 15.58 22.18 1.20
C LEU A 43 16.84 21.95 2.02
N ILE A 44 16.91 22.55 3.19
CA ILE A 44 18.12 22.46 4.00
C ILE A 44 18.08 21.47 5.15
N GLY A 45 16.96 20.76 5.28
CA GLY A 45 16.87 19.78 6.35
C GLY A 45 15.48 19.21 6.49
N ALA A 46 15.38 18.09 7.20
CA ALA A 46 14.07 17.48 7.48
C ALA A 46 14.13 16.80 8.82
N LEU A 47 12.98 16.75 9.49
CA LEU A 47 12.91 15.98 10.71
C LEU A 47 11.63 15.14 10.62
N CYS A 48 11.67 13.96 11.25
CA CYS A 48 10.56 13.00 11.27
C CYS A 48 10.12 12.76 12.70
N THR A 49 8.81 12.74 12.92
CA THR A 49 8.23 12.50 14.23
C THR A 49 7.49 11.17 14.25
N ASP A 50 7.51 10.51 15.39
CA ASP A 50 6.93 9.17 15.60
C ASP A 50 5.44 9.32 15.88
N ALA A 51 4.73 9.89 14.91
CA ALA A 51 3.29 10.17 14.98
C ALA A 51 2.50 9.25 14.05
N ASP A 52 2.49 9.57 12.74
CA ASP A 52 1.75 8.84 11.69
C ASP A 52 2.60 7.76 10.99
N CYS A 53 3.63 7.29 11.69
CA CYS A 53 4.57 6.30 11.15
C CYS A 53 5.44 5.90 12.32
N PHE A 54 6.16 4.78 12.20
CA PHE A 54 7.19 4.40 13.20
C PHE A 54 8.35 5.25 12.64
N VAL A 55 8.91 6.10 13.51
CA VAL A 55 9.91 7.05 13.05
C VAL A 55 11.12 6.49 12.36
N GLU A 56 11.54 5.27 12.68
CA GLU A 56 12.72 4.72 11.99
C GLU A 56 12.41 4.53 10.52
N ASN A 57 11.18 4.10 10.22
CA ASN A 57 10.77 3.92 8.82
C ASN A 57 10.65 5.27 8.16
N GLY A 58 10.06 6.26 8.81
CA GLY A 58 9.93 7.58 8.21
C GLY A 58 11.31 8.19 7.91
N PHE A 59 12.24 7.97 8.87
CA PHE A 59 13.64 8.40 8.70
C PHE A 59 14.29 7.77 7.46
N ASN A 60 14.17 6.46 7.33
CA ASN A 60 14.77 5.77 6.17
C ASN A 60 14.13 6.15 4.84
N VAL A 61 12.81 6.34 4.81
CA VAL A 61 12.16 6.71 3.56
C VAL A 61 12.61 8.13 3.19
N THR A 62 12.69 9.04 4.15
CA THR A 62 13.18 10.41 3.85
C THR A 62 14.60 10.32 3.24
N GLY A 63 15.45 9.56 3.89
CA GLY A 63 16.82 9.40 3.39
C GLY A 63 16.87 8.79 2.01
N LYS A 64 16.10 7.73 1.77
CA LYS A 64 16.06 7.10 0.45
C LYS A 64 15.52 8.02 -0.65
N ILE A 65 14.53 8.85 -0.34
CA ILE A 65 14.02 9.77 -1.36
C ILE A 65 15.08 10.83 -1.65
N MET A 66 15.71 11.33 -0.58
CA MET A 66 16.71 12.38 -0.78
C MET A 66 17.86 11.85 -1.66
N CYS A 67 18.30 10.64 -1.38
CA CYS A 67 19.43 10.06 -2.15
C CYS A 67 19.06 9.78 -3.62
N LEU A 68 17.87 9.27 -3.86
CA LEU A 68 17.39 9.09 -5.24
C LEU A 68 17.41 10.47 -5.93
N MET A 69 16.92 11.50 -5.26
CA MET A 69 16.88 12.80 -5.87
C MET A 69 18.27 13.42 -6.03
N HIS A 70 19.18 13.15 -5.12
CA HIS A 70 20.52 13.71 -5.26
C HIS A 70 21.21 13.12 -6.51
N ASN A 71 21.06 11.81 -6.69
CA ASN A 71 21.74 11.11 -7.81
C ASN A 71 21.10 11.34 -9.17
N ASN A 72 19.85 11.74 -9.18
CA ASN A 72 19.12 11.93 -10.43
C ASN A 72 18.74 13.37 -10.81
N MET A 73 18.70 14.29 -9.85
CA MET A 73 18.43 15.69 -10.19
C MET A 73 19.34 16.66 -9.45
N ASN A 74 20.46 16.14 -8.94
CA ASN A 74 21.43 16.93 -8.20
C ASN A 74 20.91 17.62 -6.96
N LEU A 75 19.88 17.06 -6.34
CA LEU A 75 19.37 17.69 -5.12
C LEU A 75 20.49 17.68 -4.08
N PRO A 76 20.85 18.85 -3.48
CA PRO A 76 21.91 18.79 -2.46
C PRO A 76 21.47 17.97 -1.24
N LEU A 77 22.39 17.21 -0.65
CA LEU A 77 22.07 16.45 0.56
C LEU A 77 21.86 17.41 1.72
N PHE A 78 21.06 16.99 2.69
CA PHE A 78 20.79 17.81 3.87
C PHE A 78 20.62 16.90 5.06
N PRO A 79 20.74 17.44 6.27
CA PRO A 79 20.58 16.64 7.49
C PRO A 79 19.14 16.18 7.71
N ILE A 80 19.01 14.96 8.21
CA ILE A 80 17.69 14.39 8.50
C ILE A 80 17.71 13.92 9.95
N GLY A 81 16.77 14.38 10.77
CA GLY A 81 16.80 13.95 12.15
C GLY A 81 15.49 13.39 12.67
N LYS A 82 15.59 12.45 13.58
CA LYS A 82 14.43 11.86 14.22
C LYS A 82 14.12 12.62 15.51
N SER A 83 12.88 13.08 15.63
CA SER A 83 12.50 13.84 16.81
C SER A 83 12.21 12.93 18.00
N ALA A 84 12.49 13.43 19.20
CA ALA A 84 12.19 12.65 20.41
C ALA A 84 10.76 12.94 20.94
N ALA A 85 10.03 13.74 20.20
CA ALA A 85 8.68 14.08 20.65
C ALA A 85 7.84 12.85 20.92
N THR A 86 7.07 12.91 21.99
CA THR A 86 6.18 11.83 22.32
C THR A 86 4.72 12.37 22.26
N ALA A 87 3.79 11.52 21.87
CA ALA A 87 2.40 11.91 21.75
C ALA A 87 1.70 12.27 23.06
N VAL A 88 0.76 13.20 22.97
CA VAL A 88 -0.14 13.46 24.09
C VAL A 88 -1.25 12.44 23.82
N ASN A 89 -1.77 12.42 22.59
CA ASN A 89 -2.81 11.45 22.23
C ASN A 89 -2.35 10.62 21.04
N PRO A 90 -1.91 9.39 21.31
CA PRO A 90 -1.48 8.60 20.17
C PRO A 90 -2.67 8.11 19.39
N PHE A 91 -2.42 7.84 18.13
CA PHE A 91 -3.47 7.27 17.31
C PHE A 91 -3.77 5.89 17.85
N PRO A 92 -4.98 5.40 17.62
CA PRO A 92 -5.21 4.05 18.12
C PRO A 92 -4.87 3.36 16.78
N LYS A 93 -3.90 3.96 16.08
CA LYS A 93 -3.51 3.61 14.70
C LYS A 93 -2.96 2.32 14.15
N GLU A 94 -3.63 2.00 13.04
CA GLU A 94 -3.41 0.85 12.22
C GLU A 94 -2.86 1.38 10.89
N TRP A 95 -2.64 2.69 10.82
CA TRP A 95 -2.11 3.29 9.59
C TRP A 95 -0.70 3.88 9.72
N ARG A 96 -0.05 3.68 10.85
CA ARG A 96 1.32 4.19 11.01
C ARG A 96 2.30 3.25 10.32
N CYS A 97 1.79 2.42 9.42
CA CYS A 97 2.64 1.45 8.71
C CYS A 97 3.02 1.85 7.27
N LEU A 98 2.35 2.88 6.75
CA LEU A 98 2.60 3.40 5.39
C LEU A 98 3.89 4.17 5.25
N ALA A 99 4.91 3.71 5.95
CA ALA A 99 6.26 4.29 5.87
C ALA A 99 7.08 3.01 5.78
N LYS A 100 6.64 1.96 6.48
CA LYS A 100 7.35 0.69 6.42
C LYS A 100 7.19 0.12 5.03
N ASN A 101 5.95 0.06 4.57
CA ASN A 101 5.74 -0.44 3.25
C ASN A 101 6.63 0.34 2.33
N MET A 102 6.58 1.66 2.48
CA MET A 102 7.36 2.49 1.59
C MET A 102 8.84 2.19 1.58
N ASP A 103 9.41 1.88 2.74
CA ASP A 103 10.85 1.62 2.86
C ASP A 103 11.26 0.41 2.02
N ASP A 104 10.29 -0.44 1.70
CA ASP A 104 10.56 -1.64 0.91
C ASP A 104 10.19 -1.52 -0.57
N MET A 105 9.68 -0.35 -0.99
CA MET A 105 9.25 -0.12 -2.40
C MET A 105 10.45 -0.21 -3.32
N PRO A 106 10.33 -0.90 -4.47
CA PRO A 106 11.51 -1.01 -5.34
C PRO A 106 12.17 0.26 -5.84
N ILE A 107 11.37 1.27 -6.15
CA ILE A 107 11.95 2.46 -6.66
C ILE A 107 12.80 3.22 -5.62
N LEU A 108 12.61 2.94 -4.33
CA LEU A 108 13.43 3.57 -3.30
C LEU A 108 14.60 2.66 -2.90
N ASN A 109 14.74 1.50 -3.56
CA ASN A 109 15.82 0.57 -3.18
C ASN A 109 16.79 0.24 -4.32
N ILE A 110 16.98 1.23 -5.20
CA ILE A 110 17.91 1.05 -6.32
C ILE A 110 19.30 1.12 -5.70
N PRO A 111 20.15 0.13 -5.99
CA PRO A 111 21.49 0.11 -5.39
C PRO A 111 22.30 1.40 -5.27
N GLU A 112 22.45 2.17 -6.35
CA GLU A 112 23.27 3.38 -6.25
C GLU A 112 22.71 4.36 -5.25
N ASN A 113 21.39 4.35 -5.07
CA ASN A 113 20.77 5.29 -4.11
C ASN A 113 20.88 4.75 -2.70
N VAL A 114 20.65 3.45 -2.52
CA VAL A 114 20.78 2.82 -1.19
C VAL A 114 22.22 2.87 -0.70
N GLU A 115 23.17 2.74 -1.63
CA GLU A 115 24.60 2.82 -1.25
C GLU A 115 24.93 4.20 -0.66
N LEU A 116 24.43 5.26 -1.29
CA LEU A 116 24.66 6.62 -0.80
C LEU A 116 23.97 6.79 0.56
N TRP A 117 22.74 6.34 0.69
CA TRP A 117 22.07 6.49 2.00
C TRP A 117 22.85 5.75 3.08
N ASP A 118 23.31 4.53 2.77
CA ASP A 118 24.06 3.76 3.78
C ASP A 118 25.33 4.49 4.19
N LYS A 119 25.92 5.22 3.25
CA LYS A 119 27.12 5.98 3.55
C LYS A 119 26.90 7.15 4.48
N ILE A 120 25.72 7.77 4.42
CA ILE A 120 25.47 8.97 5.23
C ILE A 120 24.49 8.75 6.38
N LYS A 121 23.99 7.52 6.51
CA LYS A 121 23.01 7.23 7.55
C LYS A 121 23.50 7.44 8.96
N ALA A 122 24.74 7.02 9.27
CA ALA A 122 25.22 7.17 10.65
C ALA A 122 25.29 8.60 11.12
N GLU A 123 25.71 9.50 10.23
CA GLU A 123 25.81 10.90 10.59
C GLU A 123 24.42 11.47 10.96
N ASN A 124 23.42 11.06 10.17
CA ASN A 124 22.05 11.53 10.40
C ASN A 124 21.44 10.86 11.61
N GLU A 125 21.87 9.63 11.95
CA GLU A 125 21.33 8.91 13.12
C GLU A 125 21.68 9.69 14.38
N LYS A 126 22.77 10.46 14.32
CA LYS A 126 23.18 11.16 15.51
C LYS A 126 22.39 12.38 15.85
N TYR A 127 21.67 12.93 14.89
CA TYR A 127 20.89 14.12 15.20
C TYR A 127 19.67 13.81 16.03
N GLU A 128 19.24 14.81 16.77
CA GLU A 128 18.01 14.68 17.51
C GLU A 128 17.21 15.74 16.81
N GLY A 129 16.08 15.33 16.23
CA GLY A 129 15.25 16.20 15.45
C GLY A 129 14.91 17.57 15.99
N GLN A 130 14.51 17.65 17.27
CA GLN A 130 14.13 18.93 17.81
C GLN A 130 15.31 19.89 17.83
N GLN A 131 16.43 19.44 18.36
CA GLN A 131 17.62 20.28 18.39
C GLN A 131 18.09 20.63 16.96
N LEU A 132 17.98 19.67 16.05
CA LEU A 132 18.36 19.94 14.65
C LEU A 132 17.53 21.07 14.03
N LEU A 133 16.22 21.07 14.28
CA LEU A 133 15.36 22.12 13.73
C LEU A 133 15.84 23.48 14.27
N ALA A 134 16.10 23.52 15.58
CA ALA A 134 16.54 24.76 16.22
C ALA A 134 17.84 25.23 15.59
N ASP A 135 18.77 24.30 15.42
CA ASP A 135 20.07 24.68 14.86
C ASP A 135 19.97 25.10 13.39
N LEU A 136 19.20 24.37 12.60
CA LEU A 136 19.09 24.73 11.19
C LEU A 136 18.54 26.14 11.02
N VAL A 137 17.52 26.44 11.81
CA VAL A 137 16.93 27.74 11.75
C VAL A 137 17.84 28.83 12.32
N MET A 138 18.39 28.60 13.51
CA MET A 138 19.23 29.63 14.15
C MET A 138 20.61 29.87 13.52
N ASN A 139 21.18 28.85 12.85
CA ASN A 139 22.50 29.02 12.24
C ASN A 139 22.46 29.39 10.78
N SER A 140 21.27 29.51 10.22
CA SER A 140 21.14 29.87 8.82
C SER A 140 21.45 31.35 8.57
N GLU A 141 22.03 31.67 7.42
CA GLU A 141 22.33 33.07 7.08
C GLU A 141 21.03 33.82 6.80
N GLU A 142 20.19 33.25 5.94
CA GLU A 142 18.91 33.86 5.58
C GLU A 142 17.82 33.19 6.41
N LYS A 143 16.66 33.85 6.49
CA LYS A 143 15.57 33.26 7.26
C LYS A 143 15.14 31.90 6.69
N VAL A 144 14.45 31.13 7.52
CA VAL A 144 14.04 29.80 7.13
C VAL A 144 12.54 29.62 7.22
N THR A 145 11.99 28.96 6.21
CA THR A 145 10.53 28.66 6.20
C THR A 145 10.37 27.23 6.70
N ILE A 146 9.53 27.02 7.70
CA ILE A 146 9.35 25.64 8.20
C ILE A 146 8.02 25.14 7.63
N CYS A 147 8.06 24.03 6.89
CA CYS A 147 6.83 23.43 6.37
C CYS A 147 6.52 22.28 7.35
N VAL A 148 5.46 22.42 8.13
CA VAL A 148 5.08 21.44 9.13
C VAL A 148 3.91 20.61 8.65
N THR A 149 4.15 19.33 8.39
CA THR A 149 3.08 18.45 7.91
C THR A 149 2.64 17.43 8.94
N GLY A 150 3.31 17.42 10.10
CA GLY A 150 2.93 16.52 11.17
C GLY A 150 2.56 17.42 12.35
N PRO A 151 2.55 16.88 13.56
CA PRO A 151 2.20 17.66 14.77
C PRO A 151 3.19 18.84 15.00
N LEU A 152 2.76 19.76 15.86
CA LEU A 152 3.52 20.98 16.12
C LEU A 152 4.49 20.90 17.27
N SER A 153 4.73 19.69 17.76
CA SER A 153 5.61 19.47 18.90
C SER A 153 7.04 20.01 18.74
N ASN A 154 7.58 19.92 17.55
CA ASN A 154 8.95 20.34 17.35
C ASN A 154 9.12 21.82 17.29
N VAL A 155 8.18 22.50 16.63
CA VAL A 155 8.25 23.94 16.57
C VAL A 155 8.01 24.46 18.00
N ALA A 156 7.05 23.88 18.72
CA ALA A 156 6.82 24.30 20.11
C ALA A 156 8.06 24.11 21.02
N TRP A 157 8.79 23.01 20.82
CA TRP A 157 9.97 22.76 21.64
C TRP A 157 11.00 23.86 21.39
N CYS A 158 11.14 24.27 20.13
CA CYS A 158 12.10 25.30 19.80
C CYS A 158 11.71 26.65 20.36
N ILE A 159 10.41 26.96 20.34
CA ILE A 159 9.93 28.23 20.88
C ILE A 159 10.14 28.23 22.39
N ASP A 160 9.81 27.12 23.03
CA ASP A 160 9.97 27.02 24.48
C ASP A 160 11.43 27.12 24.90
N LYS A 161 12.34 26.52 24.14
CA LYS A 161 13.75 26.57 24.53
C LYS A 161 14.49 27.84 24.20
N TYR A 162 14.23 28.39 23.00
CA TYR A 162 14.97 29.53 22.52
C TYR A 162 14.21 30.82 22.33
N GLY A 163 12.88 30.75 22.41
CA GLY A 163 12.07 31.95 22.23
C GLY A 163 12.39 32.79 21.01
N GLU A 164 12.54 34.11 21.20
CA GLU A 164 12.78 35.01 20.06
C GLU A 164 14.08 34.74 19.30
N LYS A 165 15.06 34.12 19.96
CA LYS A 165 16.32 33.79 19.31
C LYS A 165 16.02 32.80 18.16
N PHE A 166 14.97 32.01 18.34
CA PHE A 166 14.57 31.07 17.30
C PHE A 166 13.54 31.70 16.35
N THR A 167 12.46 32.28 16.89
CA THR A 167 11.41 32.80 16.05
C THR A 167 11.84 33.93 15.12
N SER A 168 12.79 34.73 15.56
CA SER A 168 13.27 35.82 14.73
C SER A 168 13.97 35.36 13.46
N LYS A 169 14.36 34.09 13.40
CA LYS A 169 15.07 33.53 12.27
C LYS A 169 14.10 32.78 11.36
N VAL A 170 12.83 32.71 11.76
CA VAL A 170 11.83 32.03 10.93
C VAL A 170 11.12 33.00 10.01
N GLU A 171 11.11 32.70 8.70
CA GLU A 171 10.43 33.48 7.71
C GLU A 171 8.95 33.30 7.97
N GLU A 172 8.49 32.04 7.93
CA GLU A 172 7.12 31.73 8.30
C GLU A 172 7.03 30.23 8.48
N CYS A 173 5.99 29.80 9.17
CA CYS A 173 5.70 28.41 9.42
C CYS A 173 4.46 28.15 8.59
N VAL A 174 4.47 27.14 7.71
CA VAL A 174 3.31 26.80 6.85
C VAL A 174 2.92 25.44 7.43
N ILE A 175 1.72 25.40 8.00
CA ILE A 175 1.28 24.27 8.80
C ILE A 175 0.09 23.55 8.26
N MET A 176 0.15 22.22 8.22
CA MET A 176 -1.04 21.47 7.86
C MET A 176 -1.67 21.06 9.20
N GLY A 177 -2.91 21.48 9.45
CA GLY A 177 -3.53 21.08 10.69
C GLY A 177 -4.72 21.94 11.01
N GLY A 178 -5.57 21.37 11.86
CA GLY A 178 -6.76 22.09 12.33
C GLY A 178 -7.99 22.03 11.46
N ALA A 179 -9.05 22.67 11.93
CA ALA A 179 -10.35 22.71 11.23
C ALA A 179 -11.01 23.92 11.89
N VAL A 180 -11.30 24.94 11.10
CA VAL A 180 -11.83 26.20 11.64
C VAL A 180 -13.33 26.37 11.50
N ASP A 181 -13.83 26.24 10.27
CA ASP A 181 -15.26 26.41 10.01
C ASP A 181 -15.90 25.17 9.44
N VAL A 182 -15.18 24.06 9.50
CA VAL A 182 -15.69 22.77 9.04
C VAL A 182 -15.41 21.76 10.15
N ARG A 183 -16.04 20.60 10.09
CA ARG A 183 -15.81 19.56 11.07
C ARG A 183 -14.38 19.02 11.00
N GLY A 184 -13.98 18.35 12.07
CA GLY A 184 -12.64 17.75 12.11
C GLY A 184 -12.64 16.32 11.60
N ASN A 185 -11.61 15.58 11.98
CA ASN A 185 -11.52 14.18 11.57
C ASN A 185 -11.12 13.21 12.67
N VAL A 186 -11.14 13.67 13.94
CA VAL A 186 -10.79 12.82 15.08
C VAL A 186 -12.11 12.30 15.65
N PHE A 187 -12.45 11.07 15.26
CA PHE A 187 -13.73 10.46 15.69
C PHE A 187 -13.48 9.30 16.63
N LEU A 188 -13.62 9.56 17.93
CA LEU A 188 -13.38 8.56 18.97
C LEU A 188 -14.56 8.60 19.91
N PRO A 189 -14.73 7.53 20.69
CA PRO A 189 -15.86 7.48 21.64
C PRO A 189 -15.95 8.70 22.55
N SER A 190 -14.81 9.29 22.89
CA SER A 190 -14.77 10.45 23.80
C SER A 190 -14.65 11.80 23.13
N THR A 191 -14.74 11.85 21.80
CA THR A 191 -14.60 13.14 21.10
C THR A 191 -15.86 13.56 20.38
N ASP A 192 -15.93 14.84 20.01
CA ASP A 192 -17.11 15.35 19.32
C ASP A 192 -16.91 15.56 17.83
N GLY A 193 -15.75 15.14 17.33
CA GLY A 193 -15.45 15.24 15.91
C GLY A 193 -15.06 16.59 15.35
N THR A 194 -14.75 17.55 16.22
CA THR A 194 -14.37 18.90 15.78
C THR A 194 -12.86 19.10 15.68
N ALA A 195 -12.07 18.16 16.20
CA ALA A 195 -10.59 18.31 16.13
C ALA A 195 -10.00 17.56 14.96
N GLU A 196 -8.81 18.02 14.53
CA GLU A 196 -8.05 17.41 13.44
C GLU A 196 -6.81 16.70 14.07
N TRP A 197 -6.40 15.59 13.45
CA TRP A 197 -5.37 14.73 14.00
C TRP A 197 -4.02 15.32 14.35
N ASN A 198 -3.44 16.12 13.45
CA ASN A 198 -2.13 16.71 13.79
C ASN A 198 -2.17 17.55 15.07
N ILE A 199 -3.30 18.23 15.32
CA ILE A 199 -3.37 19.07 16.51
C ILE A 199 -3.71 18.21 17.72
N TYR A 200 -4.65 17.28 17.51
CA TYR A 200 -5.09 16.40 18.59
C TYR A 200 -3.91 15.57 19.12
N TRP A 201 -2.93 15.25 18.26
CA TRP A 201 -1.79 14.45 18.73
C TRP A 201 -1.01 15.14 19.87
N ASP A 202 -0.97 16.47 19.82
CA ASP A 202 -0.28 17.24 20.84
C ASP A 202 -0.87 18.64 20.89
N PRO A 203 -1.99 18.75 21.59
CA PRO A 203 -2.65 20.07 21.69
C PRO A 203 -1.83 21.20 22.33
N ALA A 204 -1.17 20.92 23.45
CA ALA A 204 -0.38 21.93 24.13
C ALA A 204 0.72 22.51 23.24
N SER A 205 1.39 21.67 22.47
CA SER A 205 2.41 22.22 21.56
C SER A 205 1.78 23.08 20.50
N ALA A 206 0.61 22.67 19.99
CA ALA A 206 -0.06 23.45 18.97
C ALA A 206 -0.46 24.84 19.58
N LYS A 207 -0.93 24.83 20.84
CA LYS A 207 -1.35 26.08 21.47
C LYS A 207 -0.16 27.02 21.55
N THR A 208 1.01 26.47 21.93
CA THR A 208 2.22 27.28 22.01
C THR A 208 2.56 27.93 20.67
N VAL A 209 2.46 27.17 19.58
CA VAL A 209 2.79 27.71 18.28
C VAL A 209 1.78 28.74 17.83
N PHE A 210 0.48 28.43 17.91
CA PHE A 210 -0.53 29.37 17.44
C PHE A 210 -0.66 30.64 18.26
N GLY A 211 -0.15 30.60 19.48
CA GLY A 211 -0.26 31.78 20.33
C GLY A 211 1.01 32.58 20.39
N CYS A 212 2.04 32.18 19.65
CA CYS A 212 3.34 32.89 19.69
C CYS A 212 3.35 34.19 18.89
N PRO A 213 3.57 35.33 19.55
CA PRO A 213 3.59 36.56 18.76
C PRO A 213 4.88 36.65 17.95
N GLY A 214 4.91 37.44 16.88
CA GLY A 214 6.20 37.52 16.20
C GLY A 214 6.65 36.25 15.45
N LEU A 215 5.67 35.44 15.07
CA LEU A 215 5.93 34.24 14.29
C LEU A 215 4.84 34.30 13.28
N ARG A 216 5.20 34.28 12.01
CA ARG A 216 4.19 34.33 10.96
C ARG A 216 3.78 32.86 10.69
N ARG A 217 2.46 32.60 10.64
CA ARG A 217 1.94 31.26 10.43
C ARG A 217 0.92 31.24 9.34
N ILE A 218 1.05 30.29 8.41
CA ILE A 218 0.06 30.05 7.36
C ILE A 218 -0.50 28.69 7.75
N MET A 219 -1.84 28.56 7.73
CA MET A 219 -2.47 27.32 8.18
C MET A 219 -3.37 26.70 7.12
N PHE A 220 -3.01 25.46 6.74
CA PHE A 220 -3.85 24.69 5.83
C PHE A 220 -4.65 23.74 6.70
N SER A 221 -5.86 24.19 7.06
CA SER A 221 -6.78 23.40 7.86
C SER A 221 -7.72 22.62 6.93
N LEU A 222 -8.56 21.75 7.49
CA LEU A 222 -9.44 20.94 6.66
C LEU A 222 -10.33 21.80 5.77
N ASP A 223 -10.58 23.04 6.19
CA ASP A 223 -11.37 23.98 5.40
C ASP A 223 -10.88 24.05 3.94
N SER A 224 -9.55 24.09 3.76
CA SER A 224 -8.97 24.15 2.43
C SER A 224 -8.61 22.76 1.90
N THR A 225 -8.09 21.88 2.75
CA THR A 225 -7.68 20.58 2.22
C THR A 225 -8.85 19.70 1.76
N ASN A 226 -10.02 19.89 2.35
CA ASN A 226 -11.19 19.13 1.95
C ASN A 226 -11.55 19.41 0.50
N THR A 227 -11.09 20.54 -0.04
CA THR A 227 -11.48 20.88 -1.41
C THR A 227 -10.66 20.25 -2.52
N VAL A 228 -9.63 19.48 -2.18
CA VAL A 228 -8.78 18.81 -3.17
C VAL A 228 -8.55 17.32 -2.84
N PRO A 229 -9.54 16.45 -3.10
CA PRO A 229 -9.38 15.01 -2.81
C PRO A 229 -8.48 14.19 -3.78
N VAL A 230 -7.96 13.06 -3.30
CA VAL A 230 -7.12 12.21 -4.16
C VAL A 230 -8.07 11.30 -4.95
N ARG A 231 -8.19 11.55 -6.25
CA ARG A 231 -9.08 10.75 -7.15
C ARG A 231 -8.36 9.82 -8.10
N SER A 232 -8.91 8.61 -8.25
CA SER A 232 -8.28 7.60 -9.10
C SER A 232 -7.87 7.99 -10.50
N PRO A 233 -8.75 8.66 -11.25
CA PRO A 233 -8.26 8.97 -12.59
C PRO A 233 -7.07 9.90 -12.62
N TYR A 234 -7.01 10.83 -11.66
CA TYR A 234 -5.87 11.74 -11.64
C TYR A 234 -4.63 10.93 -11.25
N VAL A 235 -4.76 10.06 -10.24
CA VAL A 235 -3.59 9.26 -9.83
C VAL A 235 -3.12 8.40 -11.00
N GLN A 236 -4.07 7.87 -11.75
CA GLN A 236 -3.65 7.05 -12.91
C GLN A 236 -2.84 7.82 -13.97
N ARG A 237 -2.93 9.16 -13.99
CA ARG A 237 -2.17 9.93 -14.96
C ARG A 237 -0.67 9.81 -14.69
N PHE A 238 -0.28 9.42 -13.48
CA PHE A 238 1.15 9.26 -13.26
C PHE A 238 1.69 8.10 -14.10
N GLY A 239 0.79 7.21 -14.56
CA GLY A 239 1.21 6.09 -15.40
C GLY A 239 1.64 6.58 -16.78
N GLU A 240 1.28 7.80 -17.17
CA GLU A 240 1.68 8.36 -18.45
C GLU A 240 3.15 8.81 -18.35
N GLN A 241 3.68 8.83 -17.13
CA GLN A 241 5.02 9.37 -16.86
C GLN A 241 5.96 8.37 -16.18
N THR A 242 5.88 7.09 -16.55
CA THR A 242 6.76 6.14 -15.89
C THR A 242 8.23 6.23 -16.26
N ASN A 243 8.59 7.09 -17.22
CA ASN A 243 10.01 7.29 -17.52
C ASN A 243 10.62 8.20 -16.42
N PHE A 244 9.81 8.67 -15.48
CA PHE A 244 10.32 9.51 -14.39
C PHE A 244 10.19 8.80 -13.05
N LEU A 245 11.31 8.67 -12.35
CA LEU A 245 11.29 7.99 -11.08
C LEU A 245 10.31 8.62 -10.11
N LEU A 246 10.23 9.94 -10.11
CA LEU A 246 9.34 10.60 -9.15
C LEU A 246 7.84 10.36 -9.44
N SER A 247 7.51 10.03 -10.69
CA SER A 247 6.11 9.75 -11.04
C SER A 247 5.78 8.33 -10.61
N ILE A 248 6.75 7.43 -10.72
CA ILE A 248 6.49 6.07 -10.20
C ILE A 248 6.33 6.20 -8.69
N LEU A 249 7.17 7.03 -8.07
CA LEU A 249 7.10 7.20 -6.63
C LEU A 249 5.79 7.86 -6.15
N VAL A 250 5.46 9.04 -6.67
CA VAL A 250 4.24 9.75 -6.22
C VAL A 250 3.00 8.97 -6.54
N GLY A 251 2.95 8.42 -7.75
CA GLY A 251 1.81 7.65 -8.17
C GLY A 251 1.60 6.44 -7.30
N THR A 252 2.69 5.78 -6.91
CA THR A 252 2.58 4.61 -6.06
C THR A 252 2.05 5.05 -4.69
N MET A 253 2.58 6.13 -4.16
CA MET A 253 2.08 6.58 -2.86
C MET A 253 0.60 7.00 -2.92
N TRP A 254 0.17 7.76 -3.93
CA TRP A 254 -1.25 8.16 -3.95
C TRP A 254 -2.18 7.04 -4.32
N ALA A 255 -1.63 5.99 -4.91
CA ALA A 255 -2.43 4.87 -5.33
C ALA A 255 -2.88 4.05 -4.15
N MET A 256 -2.02 3.92 -3.16
CA MET A 256 -2.36 3.10 -2.01
C MET A 256 -3.21 3.80 -0.94
N CYS A 257 -3.53 5.05 -1.18
CA CYS A 257 -4.39 5.84 -0.29
C CYS A 257 -5.11 6.83 -1.21
N THR A 258 -5.88 6.25 -2.13
CA THR A 258 -6.64 6.99 -3.12
C THR A 258 -7.55 8.02 -2.42
N TYR A 269 -9.35 9.91 1.63
CA TYR A 269 -8.03 10.54 1.66
C TYR A 269 -7.95 11.84 0.86
N TYR A 270 -7.13 12.76 1.37
CA TYR A 270 -6.96 14.04 0.71
C TYR A 270 -5.48 14.35 0.54
N ALA A 271 -5.20 15.41 -0.19
CA ALA A 271 -3.83 15.81 -0.41
C ALA A 271 -3.46 16.84 0.65
N TRP A 272 -3.80 16.57 1.91
CA TRP A 272 -3.52 17.52 2.99
C TRP A 272 -2.10 18.12 2.99
N ASP A 273 -1.10 17.27 3.17
CA ASP A 273 0.26 17.77 3.26
C ASP A 273 0.80 18.27 1.95
N ALA A 274 0.39 17.63 0.85
CA ALA A 274 0.88 18.05 -0.45
C ALA A 274 0.41 19.51 -0.73
N LEU A 275 -0.82 19.84 -0.36
CA LEU A 275 -1.30 21.20 -0.63
C LEU A 275 -0.50 22.23 0.16
N THR A 276 -0.17 21.90 1.40
CA THR A 276 0.61 22.75 2.28
C THR A 276 1.99 23.00 1.66
N ALA A 277 2.64 21.93 1.19
CA ALA A 277 3.94 22.10 0.55
C ALA A 277 3.84 22.91 -0.77
N ALA A 278 2.76 22.70 -1.51
CA ALA A 278 2.55 23.42 -2.78
C ALA A 278 2.54 24.93 -2.53
N TYR A 279 2.00 25.37 -1.40
CA TYR A 279 1.95 26.78 -1.05
C TYR A 279 3.35 27.33 -0.81
N VAL A 280 4.22 26.52 -0.20
CA VAL A 280 5.59 26.95 0.03
C VAL A 280 6.26 27.14 -1.34
N VAL A 281 5.94 26.27 -2.29
CA VAL A 281 6.49 26.43 -3.64
C VAL A 281 5.94 27.65 -4.36
N ASP A 282 4.62 27.88 -4.28
CA ASP A 282 4.02 29.02 -4.97
C ASP A 282 2.80 29.48 -4.20
N GLN A 283 2.90 30.65 -3.58
CA GLN A 283 1.75 31.10 -2.80
C GLN A 283 0.46 31.36 -3.56
N LYS A 284 0.51 31.32 -4.89
CA LYS A 284 -0.73 31.47 -5.67
C LYS A 284 -1.67 30.26 -5.47
N VAL A 285 -1.19 29.20 -4.83
CA VAL A 285 -1.98 28.01 -4.52
C VAL A 285 -3.22 28.40 -3.72
N ALA A 286 -3.09 29.42 -2.86
CA ALA A 286 -4.24 29.82 -2.05
C ALA A 286 -4.14 31.20 -1.45
N ASN A 287 -5.29 31.88 -1.35
CA ASN A 287 -5.28 33.16 -0.64
C ASN A 287 -5.41 32.81 0.84
N VAL A 288 -5.04 33.74 1.70
CA VAL A 288 -5.10 33.45 3.12
C VAL A 288 -5.85 34.56 3.85
N ASP A 289 -6.44 34.21 4.98
CA ASP A 289 -7.28 35.12 5.76
C ASP A 289 -6.83 35.09 7.21
N PRO A 290 -6.56 36.26 7.82
CA PRO A 290 -6.14 36.26 9.21
C PRO A 290 -7.22 35.88 10.23
N VAL A 291 -6.87 34.95 11.12
CA VAL A 291 -7.80 34.46 12.18
C VAL A 291 -6.97 34.22 13.43
N PRO A 292 -7.42 34.69 14.61
CA PRO A 292 -6.67 34.47 15.87
C PRO A 292 -7.05 33.05 16.32
N ILE A 293 -6.08 32.14 16.33
CA ILE A 293 -6.33 30.73 16.64
C ILE A 293 -5.84 30.28 17.99
N ASP A 294 -6.73 29.69 18.79
CA ASP A 294 -6.38 29.11 20.08
C ASP A 294 -6.67 27.62 19.93
N VAL A 295 -6.10 26.84 20.84
CA VAL A 295 -6.28 25.38 20.81
C VAL A 295 -6.83 24.88 22.14
N VAL A 296 -7.85 24.05 22.04
CA VAL A 296 -8.43 23.43 23.25
C VAL A 296 -7.45 22.36 23.78
N VAL A 297 -6.93 22.57 24.99
CA VAL A 297 -5.98 21.64 25.59
C VAL A 297 -6.61 20.86 26.75
N ASP A 298 -7.74 21.35 27.27
CA ASP A 298 -8.40 20.62 28.35
C ASP A 298 -8.98 19.32 27.82
N LYS A 299 -9.15 18.34 28.71
CA LYS A 299 -9.67 17.03 28.29
C LYS A 299 -11.19 17.08 28.15
N GLN A 300 -11.61 17.66 27.03
CA GLN A 300 -13.02 17.84 26.68
C GLN A 300 -13.25 17.06 25.39
N PRO A 301 -14.53 16.91 24.99
CA PRO A 301 -14.83 16.18 23.75
C PRO A 301 -14.14 16.82 22.54
N ASN A 302 -13.94 18.14 22.61
CA ASN A 302 -13.28 18.86 21.52
C ASN A 302 -11.82 19.18 21.79
N GLU A 303 -11.19 18.39 22.65
CA GLU A 303 -9.74 18.54 22.88
C GLU A 303 -9.03 18.55 21.49
N GLY A 304 -8.05 19.44 21.33
CA GLY A 304 -7.37 19.52 20.05
C GLY A 304 -8.04 20.42 19.04
N ALA A 305 -9.25 20.93 19.32
CA ALA A 305 -9.87 21.80 18.30
C ALA A 305 -9.17 23.15 18.23
N THR A 306 -9.15 23.69 17.01
CA THR A 306 -8.59 25.02 16.72
C THR A 306 -9.78 25.94 16.65
N VAL A 307 -9.84 26.85 17.61
CA VAL A 307 -10.98 27.78 17.72
C VAL A 307 -10.54 29.21 17.55
N ARG A 308 -11.47 30.04 17.06
CA ARG A 308 -11.20 31.47 16.89
C ARG A 308 -11.37 32.08 18.28
N THR A 309 -10.29 32.60 18.86
CA THR A 309 -10.37 33.21 20.21
C THR A 309 -10.70 34.71 20.19
N ASP A 310 -11.37 35.21 21.21
CA ASP A 310 -11.63 36.65 21.19
C ASP A 310 -10.68 37.44 22.03
N ALA A 311 -9.60 36.81 22.49
CA ALA A 311 -8.62 37.50 23.30
C ALA A 311 -8.11 38.74 22.61
N GLU A 312 -8.02 39.82 23.38
CA GLU A 312 -7.54 41.09 22.82
C GLU A 312 -6.09 40.99 22.39
N ASN A 313 -5.82 41.53 21.21
CA ASN A 313 -4.48 41.55 20.65
C ASN A 313 -3.84 40.18 20.51
N TYR A 314 -4.65 39.16 20.27
CA TYR A 314 -4.10 37.79 20.14
C TYR A 314 -3.42 37.63 18.76
N PRO A 315 -2.27 36.91 18.67
CA PRO A 315 -1.59 36.74 17.35
C PRO A 315 -2.48 36.17 16.25
N LEU A 316 -2.30 36.67 15.03
CA LEU A 316 -3.10 36.19 13.91
C LEU A 316 -2.39 35.05 13.17
N THR A 317 -3.20 34.15 12.61
CA THR A 317 -2.74 33.01 11.77
C THR A 317 -3.46 33.16 10.43
N PHE A 318 -2.70 33.00 9.34
CA PHE A 318 -3.27 33.18 8.01
C PHE A 318 -3.78 31.85 7.51
N VAL A 319 -5.11 31.70 7.59
CA VAL A 319 -5.78 30.45 7.20
C VAL A 319 -6.03 30.42 5.71
N ALA A 320 -5.59 29.35 5.08
CA ALA A 320 -5.80 29.20 3.63
C ALA A 320 -7.29 29.05 3.31
N ARG A 321 -7.68 29.67 2.20
CA ARG A 321 -9.08 29.59 1.75
C ARG A 321 -9.18 29.33 0.27
N ASN A 322 -10.18 28.54 -0.13
CA ASN A 322 -10.44 28.24 -1.56
C ASN A 322 -9.16 28.04 -2.39
N PRO A 323 -8.43 26.96 -2.15
CA PRO A 323 -7.20 26.74 -2.93
C PRO A 323 -7.47 26.49 -4.40
N GLU A 324 -6.47 26.80 -5.21
CA GLU A 324 -6.54 26.60 -6.66
C GLU A 324 -6.22 25.14 -6.93
N ALA A 325 -7.25 24.31 -6.96
CA ALA A 325 -7.10 22.86 -7.14
C ALA A 325 -6.45 22.45 -8.44
N GLU A 326 -6.96 22.97 -9.56
CA GLU A 326 -6.39 22.62 -10.85
C GLU A 326 -4.90 23.00 -10.91
N PHE A 327 -4.56 24.18 -10.37
CA PHE A 327 -3.18 24.66 -10.35
C PHE A 327 -2.34 23.67 -9.56
N PHE A 328 -2.88 23.24 -8.44
CA PHE A 328 -2.14 22.30 -7.57
C PHE A 328 -1.95 20.96 -8.25
N LEU A 329 -3.02 20.45 -8.87
CA LEU A 329 -2.89 19.12 -9.50
C LEU A 329 -1.88 19.16 -10.64
N ASP A 330 -1.86 20.26 -11.40
CA ASP A 330 -0.91 20.39 -12.49
C ASP A 330 0.49 20.52 -11.95
N MET A 331 0.63 21.25 -10.85
CA MET A 331 1.94 21.43 -10.23
C MET A 331 2.51 20.08 -9.80
N LEU A 332 1.68 19.25 -9.21
CA LEU A 332 2.22 17.98 -8.76
C LEU A 332 2.61 17.09 -9.92
N LEU A 333 1.81 17.04 -10.99
CA LEU A 333 2.18 16.19 -12.14
C LEU A 333 3.48 16.68 -12.75
N ARG A 334 3.63 18.00 -12.87
CA ARG A 334 4.85 18.59 -13.44
C ARG A 334 6.06 18.33 -12.56
N SER A 335 5.90 18.54 -11.26
CA SER A 335 6.96 18.32 -10.31
C SER A 335 7.50 16.91 -10.37
N ALA A 336 6.59 15.95 -10.62
CA ALA A 336 6.94 14.55 -10.68
C ALA A 336 7.67 14.17 -11.99
N ARG A 337 7.95 15.15 -12.85
CA ARG A 337 8.74 14.92 -14.06
C ARG A 337 10.14 15.47 -13.80
N ALA A 338 10.44 15.92 -12.57
CA ALA A 338 11.80 16.47 -12.37
C ALA A 338 12.91 15.43 -12.56
N CYS A 339 12.58 14.17 -12.33
CA CYS A 339 13.49 13.03 -12.56
C CYS A 339 12.71 11.72 -12.37
N ALA B 14 4.97 -27.08 -22.48
CA ALA B 14 4.35 -26.51 -21.24
C ALA B 14 2.99 -27.13 -20.97
N LYS B 15 2.53 -27.00 -19.74
CA LYS B 15 1.23 -27.57 -19.43
C LYS B 15 0.19 -26.50 -19.28
N ASN B 16 -1.06 -26.85 -19.57
CA ASN B 16 -2.15 -25.90 -19.48
C ASN B 16 -2.52 -25.61 -18.04
N VAL B 17 -2.65 -24.33 -17.70
CA VAL B 17 -3.01 -23.92 -16.35
C VAL B 17 -4.07 -22.81 -16.37
N VAL B 18 -5.01 -22.90 -15.43
CA VAL B 18 -6.01 -21.86 -15.26
C VAL B 18 -5.81 -21.35 -13.82
N LEU B 19 -5.79 -20.01 -13.65
CA LEU B 19 -5.67 -19.40 -12.31
C LEU B 19 -7.07 -18.98 -11.83
N ASP B 20 -7.48 -19.46 -10.65
CA ASP B 20 -8.79 -19.17 -10.04
C ASP B 20 -8.40 -18.40 -8.76
N HIS B 21 -8.53 -17.08 -8.80
CA HIS B 21 -8.04 -16.24 -7.69
C HIS B 21 -9.06 -15.27 -7.09
N ALA B 22 -8.67 -14.66 -5.96
CA ALA B 22 -9.56 -13.75 -5.24
C ALA B 22 -9.10 -12.30 -5.22
N GLY B 23 -8.13 -11.96 -6.04
CA GLY B 23 -7.74 -10.56 -6.16
C GLY B 23 -7.01 -9.85 -5.06
N ASN B 24 -6.30 -10.59 -4.20
CA ASN B 24 -5.51 -9.95 -3.17
C ASN B 24 -4.10 -9.82 -3.75
N LEU B 25 -3.22 -9.15 -3.03
CA LEU B 25 -1.88 -8.93 -3.55
C LEU B 25 -1.14 -10.22 -3.88
N ASP B 26 -1.25 -11.25 -3.04
CA ASP B 26 -0.51 -12.48 -3.34
C ASP B 26 -1.12 -13.25 -4.52
N ASP B 27 -2.41 -13.06 -4.77
CA ASP B 27 -3.04 -13.70 -5.91
C ASP B 27 -2.35 -13.14 -7.17
N PHE B 28 -2.02 -11.86 -7.13
CA PHE B 28 -1.39 -11.25 -8.31
C PHE B 28 0.06 -11.61 -8.45
N VAL B 29 0.75 -11.85 -7.33
CA VAL B 29 2.14 -12.30 -7.44
C VAL B 29 2.08 -13.73 -8.03
N ALA B 30 1.10 -14.52 -7.63
CA ALA B 30 0.95 -15.85 -8.18
C ALA B 30 0.69 -15.77 -9.69
N MET B 31 -0.10 -14.77 -10.12
CA MET B 31 -0.38 -14.62 -11.53
C MET B 31 0.92 -14.34 -12.27
N VAL B 32 1.74 -13.44 -11.77
CA VAL B 32 3.00 -13.10 -12.40
C VAL B 32 3.91 -14.33 -12.51
N LEU B 33 3.96 -15.13 -11.45
CA LEU B 33 4.77 -16.35 -11.49
C LEU B 33 4.33 -17.31 -12.60
N LEU B 34 3.03 -17.61 -12.68
CA LEU B 34 2.51 -18.51 -13.70
C LEU B 34 2.73 -17.93 -15.08
N ALA B 35 2.31 -16.68 -15.28
CA ALA B 35 2.41 -16.07 -16.63
C ALA B 35 3.83 -15.92 -17.10
N SER B 36 4.78 -15.63 -16.21
CA SER B 36 6.12 -15.39 -16.69
C SER B 36 6.92 -16.63 -17.06
N ASN B 37 6.53 -17.80 -16.55
CA ASN B 37 7.25 -19.05 -16.82
C ASN B 37 6.65 -19.82 -17.98
N THR B 38 6.71 -19.22 -19.16
CA THR B 38 6.12 -19.83 -20.35
C THR B 38 6.72 -21.16 -20.79
N GLU B 39 7.94 -21.45 -20.36
CA GLU B 39 8.48 -22.75 -20.77
C GLU B 39 7.77 -23.88 -20.06
N LYS B 40 7.37 -23.65 -18.81
CA LYS B 40 6.71 -24.67 -18.01
C LYS B 40 5.20 -24.58 -17.92
N VAL B 41 4.68 -23.36 -18.04
CA VAL B 41 3.25 -23.08 -17.91
C VAL B 41 2.63 -22.31 -19.07
N ARG B 42 1.51 -22.81 -19.61
CA ARG B 42 0.76 -22.11 -20.64
C ARG B 42 -0.51 -21.67 -19.89
N LEU B 43 -0.58 -20.38 -19.59
CA LEU B 43 -1.69 -19.83 -18.80
C LEU B 43 -2.82 -19.59 -19.77
N ILE B 44 -3.83 -20.47 -19.71
CA ILE B 44 -4.94 -20.40 -20.68
C ILE B 44 -6.17 -19.68 -20.21
N GLY B 45 -6.16 -19.21 -18.97
CA GLY B 45 -7.30 -18.44 -18.50
C GLY B 45 -7.18 -18.09 -17.04
N ALA B 46 -7.98 -17.13 -16.62
CA ALA B 46 -8.04 -16.77 -15.19
C ALA B 46 -9.46 -16.38 -14.84
N LEU B 47 -9.84 -16.64 -13.59
CA LEU B 47 -11.14 -16.16 -13.13
C LEU B 47 -10.91 -15.45 -11.80
N CYS B 48 -11.69 -14.40 -11.55
CA CYS B 48 -11.58 -13.59 -10.34
C CYS B 48 -12.89 -13.65 -9.58
N THR B 49 -12.76 -13.92 -8.29
CA THR B 49 -13.88 -14.02 -7.38
C THR B 49 -13.89 -12.80 -6.50
N ASP B 50 -15.08 -12.25 -6.30
CA ASP B 50 -15.33 -11.06 -5.47
C ASP B 50 -15.15 -11.43 -4.00
N ALA B 51 -13.94 -11.89 -3.66
CA ALA B 51 -13.61 -12.34 -2.32
C ALA B 51 -12.65 -11.38 -1.57
N ASP B 52 -11.34 -11.57 -1.75
CA ASP B 52 -10.30 -10.73 -1.13
C ASP B 52 -10.29 -9.35 -1.81
N CYS B 53 -11.26 -9.15 -2.69
CA CYS B 53 -11.33 -7.92 -3.44
C CYS B 53 -12.77 -7.69 -3.84
N PHE B 54 -13.01 -6.56 -4.49
CA PHE B 54 -14.33 -6.28 -5.03
C PHE B 54 -14.03 -6.77 -6.45
N VAL B 55 -14.73 -7.83 -6.87
CA VAL B 55 -14.49 -8.42 -8.18
C VAL B 55 -14.15 -7.45 -9.31
N GLU B 56 -14.78 -6.28 -9.31
CA GLU B 56 -14.56 -5.23 -10.30
C GLU B 56 -13.07 -4.88 -10.42
N ASN B 57 -12.45 -4.50 -9.30
CA ASN B 57 -11.06 -4.14 -9.36
C ASN B 57 -10.17 -5.35 -9.62
N GLY B 58 -10.52 -6.50 -9.05
CA GLY B 58 -9.71 -7.70 -9.26
C GLY B 58 -9.64 -8.07 -10.73
N PHE B 59 -10.77 -7.95 -11.42
CA PHE B 59 -10.88 -8.24 -12.85
C PHE B 59 -9.99 -7.26 -13.61
N ASN B 60 -10.13 -5.99 -13.29
CA ASN B 60 -9.33 -4.98 -13.98
C ASN B 60 -7.83 -5.13 -13.75
N VAL B 61 -7.42 -5.45 -12.52
CA VAL B 61 -5.97 -5.63 -12.29
C VAL B 61 -5.46 -6.86 -13.04
N THR B 62 -6.26 -7.93 -13.08
CA THR B 62 -5.85 -9.13 -13.81
C THR B 62 -5.62 -8.73 -15.27
N GLY B 63 -6.57 -7.99 -15.84
CA GLY B 63 -6.41 -7.56 -17.22
C GLY B 63 -5.22 -6.64 -17.44
N LYS B 64 -5.01 -5.68 -16.52
CA LYS B 64 -3.87 -4.77 -16.67
C LYS B 64 -2.52 -5.47 -16.58
N ILE B 65 -2.42 -6.47 -15.70
CA ILE B 65 -1.17 -7.22 -15.62
C ILE B 65 -0.99 -8.05 -16.89
N MET B 66 -2.03 -8.74 -17.34
CA MET B 66 -1.88 -9.52 -18.57
C MET B 66 -1.44 -8.67 -19.77
N CYS B 67 -2.02 -7.48 -19.90
CA CYS B 67 -1.71 -6.60 -21.04
C CYS B 67 -0.30 -6.05 -20.94
N LEU B 68 0.12 -5.69 -19.72
CA LEU B 68 1.49 -5.24 -19.52
C LEU B 68 2.43 -6.37 -19.96
N MET B 69 2.17 -7.60 -19.57
CA MET B 69 3.08 -8.67 -19.97
C MET B 69 3.02 -8.98 -21.46
N HIS B 70 1.81 -9.03 -22.04
CA HIS B 70 1.67 -9.33 -23.46
C HIS B 70 2.41 -8.32 -24.33
N ASN B 71 2.41 -7.05 -23.94
CA ASN B 71 3.10 -6.04 -24.77
C ASN B 71 4.59 -6.04 -24.54
N ASN B 72 5.07 -6.84 -23.61
CA ASN B 72 6.52 -6.83 -23.30
C ASN B 72 7.26 -8.16 -23.34
N MET B 73 6.52 -9.27 -23.44
CA MET B 73 7.15 -10.57 -23.54
C MET B 73 6.17 -11.49 -24.29
N ASN B 74 6.61 -12.68 -24.63
CA ASN B 74 5.76 -13.58 -25.37
C ASN B 74 4.73 -14.31 -24.50
N LEU B 75 3.74 -13.54 -24.02
CA LEU B 75 2.66 -14.10 -23.22
C LEU B 75 1.37 -13.93 -24.01
N PRO B 76 0.82 -15.03 -24.51
CA PRO B 76 -0.45 -14.91 -25.25
C PRO B 76 -1.61 -14.41 -24.38
N LEU B 77 -2.49 -13.63 -24.98
CA LEU B 77 -3.67 -13.19 -24.25
C LEU B 77 -4.50 -14.42 -23.94
N PHE B 78 -5.30 -14.30 -22.88
CA PHE B 78 -6.16 -15.39 -22.49
C PHE B 78 -7.44 -14.81 -21.90
N PRO B 79 -8.51 -15.62 -21.86
CA PRO B 79 -9.77 -15.13 -21.29
C PRO B 79 -9.69 -14.91 -19.79
N ILE B 80 -10.38 -13.86 -19.34
CA ILE B 80 -10.47 -13.55 -17.94
C ILE B 80 -11.96 -13.41 -17.61
N GLY B 81 -12.44 -14.17 -16.64
CA GLY B 81 -13.86 -14.10 -16.28
C GLY B 81 -14.14 -13.71 -14.84
N LYS B 82 -15.22 -12.97 -14.65
CA LYS B 82 -15.62 -12.60 -13.29
C LYS B 82 -16.53 -13.70 -12.77
N SER B 83 -16.19 -14.26 -11.60
CA SER B 83 -17.06 -15.31 -11.07
C SER B 83 -18.32 -14.71 -10.41
N ALA B 84 -19.43 -15.45 -10.47
CA ALA B 84 -20.68 -15.00 -9.85
C ALA B 84 -20.78 -15.52 -8.40
N ALA B 85 -19.75 -16.23 -7.93
CA ALA B 85 -19.76 -16.77 -6.57
C ALA B 85 -19.94 -15.69 -5.51
N THR B 86 -20.77 -15.98 -4.51
CA THR B 86 -20.99 -15.04 -3.43
C THR B 86 -20.50 -15.73 -2.15
N ALA B 87 -20.06 -14.93 -1.20
CA ALA B 87 -19.52 -15.41 0.04
C ALA B 87 -20.51 -16.01 1.02
N VAL B 88 -20.05 -16.99 1.77
CA VAL B 88 -20.87 -17.53 2.85
C VAL B 88 -20.44 -16.59 4.01
N ASN B 89 -19.13 -16.37 4.16
CA ASN B 89 -18.58 -15.48 5.21
C ASN B 89 -17.59 -14.55 4.51
N PRO B 90 -17.94 -13.26 4.36
CA PRO B 90 -17.07 -12.27 3.69
C PRO B 90 -15.68 -12.05 4.27
N PHE B 91 -14.72 -11.72 3.42
CA PHE B 91 -13.38 -11.44 3.89
C PHE B 91 -13.45 -10.11 4.63
N PRO B 92 -12.41 -9.78 5.41
CA PRO B 92 -12.39 -8.51 6.16
C PRO B 92 -12.38 -7.35 5.15
N LYS B 93 -13.30 -6.40 5.27
CA LYS B 93 -13.32 -5.28 4.32
C LYS B 93 -12.00 -4.55 4.43
N GLU B 94 -11.31 -4.81 5.54
CA GLU B 94 -10.01 -4.22 5.85
C GLU B 94 -8.98 -4.47 4.75
N TRP B 95 -9.00 -5.67 4.15
CA TRP B 95 -8.06 -5.97 3.08
C TRP B 95 -8.66 -6.46 1.78
N ARG B 96 -9.89 -6.05 1.50
CA ARG B 96 -10.58 -6.43 0.25
C ARG B 96 -10.30 -5.42 -0.87
N CYS B 97 -10.24 -4.14 -0.54
CA CYS B 97 -10.01 -3.12 -1.56
C CYS B 97 -8.53 -2.95 -1.92
N LEU B 98 -7.72 -3.98 -1.68
CA LEU B 98 -6.33 -3.84 -2.05
C LEU B 98 -6.21 -3.88 -3.59
N ALA B 99 -7.12 -4.58 -4.28
CA ALA B 99 -7.05 -4.58 -5.74
C ALA B 99 -7.38 -3.17 -6.25
N LYS B 100 -8.12 -2.40 -5.48
CA LYS B 100 -8.46 -1.05 -5.91
C LYS B 100 -7.19 -0.22 -5.96
N ASN B 101 -6.32 -0.44 -4.97
CA ASN B 101 -5.08 0.32 -4.96
C ASN B 101 -4.16 -0.06 -6.09
N MET B 102 -4.06 -1.35 -6.36
CA MET B 102 -3.19 -1.76 -7.44
C MET B 102 -3.70 -1.24 -8.76
N ASP B 103 -5.02 -1.13 -8.89
CA ASP B 103 -5.63 -0.67 -10.13
C ASP B 103 -5.14 0.73 -10.45
N ASP B 104 -4.66 1.46 -9.43
CA ASP B 104 -4.19 2.83 -9.64
C ASP B 104 -2.66 2.99 -9.70
N MET B 105 -1.92 1.89 -9.57
CA MET B 105 -0.45 1.98 -9.54
C MET B 105 0.07 2.37 -10.92
N PRO B 106 1.08 3.24 -10.96
CA PRO B 106 1.65 3.71 -12.23
C PRO B 106 2.05 2.62 -13.21
N ILE B 107 2.70 1.58 -12.69
CA ILE B 107 3.20 0.53 -13.55
C ILE B 107 2.09 -0.24 -14.27
N LEU B 108 0.86 -0.20 -13.75
CA LEU B 108 -0.25 -0.88 -14.41
C LEU B 108 -1.10 0.06 -15.26
N ASN B 109 -0.67 1.31 -15.38
CA ASN B 109 -1.37 2.32 -16.15
C ASN B 109 -0.57 3.02 -17.21
N ILE B 110 0.35 2.27 -17.84
CA ILE B 110 1.15 2.82 -18.94
C ILE B 110 0.13 2.87 -20.08
N PRO B 111 -0.03 4.02 -20.75
CA PRO B 111 -1.03 4.10 -21.80
C PRO B 111 -1.14 3.01 -22.86
N GLU B 112 -0.04 2.54 -23.43
CA GLU B 112 -0.12 1.47 -24.46
C GLU B 112 -0.74 0.18 -23.88
N ASN B 113 -0.57 -0.05 -22.58
CA ASN B 113 -1.10 -1.28 -21.99
C ASN B 113 -2.54 -1.10 -21.61
N VAL B 114 -2.88 0.06 -21.09
CA VAL B 114 -4.27 0.28 -20.74
C VAL B 114 -5.11 0.36 -22.03
N GLU B 115 -4.54 0.87 -23.10
CA GLU B 115 -5.26 0.95 -24.38
C GLU B 115 -5.58 -0.46 -24.86
N LEU B 116 -4.62 -1.39 -24.68
CA LEU B 116 -4.87 -2.78 -25.09
C LEU B 116 -5.98 -3.36 -24.22
N TRP B 117 -5.92 -3.12 -22.92
CA TRP B 117 -6.97 -3.64 -22.05
C TRP B 117 -8.34 -3.06 -22.43
N ASP B 118 -8.39 -1.76 -22.71
CA ASP B 118 -9.69 -1.18 -23.09
C ASP B 118 -10.26 -1.84 -24.36
N LYS B 119 -9.37 -2.26 -25.27
CA LYS B 119 -9.81 -2.89 -26.54
C LYS B 119 -10.27 -4.32 -26.36
N ILE B 120 -9.76 -5.05 -25.36
CA ILE B 120 -10.16 -6.43 -25.21
C ILE B 120 -11.11 -6.67 -24.03
N LYS B 121 -11.44 -5.60 -23.30
CA LYS B 121 -12.27 -5.76 -22.13
C LYS B 121 -13.67 -6.26 -22.48
N ALA B 122 -14.23 -5.81 -23.60
CA ALA B 122 -15.60 -6.22 -23.89
C ALA B 122 -15.73 -7.73 -24.09
N GLU B 123 -14.73 -8.35 -24.71
CA GLU B 123 -14.77 -9.80 -24.96
C GLU B 123 -14.71 -10.50 -23.60
N ASN B 124 -13.93 -9.98 -22.67
CA ASN B 124 -13.82 -10.65 -21.37
C ASN B 124 -14.98 -10.40 -20.42
N GLU B 125 -15.58 -9.22 -20.52
CA GLU B 125 -16.69 -8.88 -19.65
C GLU B 125 -17.89 -9.80 -19.83
N LYS B 126 -17.98 -10.47 -20.97
CA LYS B 126 -19.13 -11.35 -21.25
C LYS B 126 -18.96 -12.80 -20.76
N TYR B 127 -17.90 -13.07 -20.03
CA TYR B 127 -17.74 -14.42 -19.51
C TYR B 127 -18.33 -14.51 -18.13
N GLU B 128 -18.80 -15.70 -17.76
CA GLU B 128 -19.26 -15.87 -16.39
C GLU B 128 -18.12 -16.78 -15.98
N GLY B 129 -17.39 -16.36 -14.95
CA GLY B 129 -16.22 -17.10 -14.52
C GLY B 129 -16.33 -18.57 -14.24
N GLN B 130 -17.38 -18.98 -13.54
CA GLN B 130 -17.52 -20.39 -13.22
C GLN B 130 -17.66 -21.21 -14.49
N GLN B 131 -18.52 -20.76 -15.41
CA GLN B 131 -18.69 -21.48 -16.65
C GLN B 131 -17.42 -21.44 -17.45
N LEU B 132 -16.69 -20.33 -17.38
CA LEU B 132 -15.43 -20.25 -18.09
C LEU B 132 -14.44 -21.31 -17.56
N LEU B 133 -14.35 -21.46 -16.24
CA LEU B 133 -13.45 -22.48 -15.69
C LEU B 133 -13.81 -23.88 -16.23
N ALA B 134 -15.11 -24.17 -16.23
CA ALA B 134 -15.59 -25.47 -16.70
C ALA B 134 -15.23 -25.70 -18.17
N ASP B 135 -15.46 -24.68 -19.00
CA ASP B 135 -15.19 -24.79 -20.45
C ASP B 135 -13.72 -24.92 -20.77
N LEU B 136 -12.87 -24.12 -20.11
CA LEU B 136 -11.44 -24.21 -20.37
C LEU B 136 -10.90 -25.57 -19.99
N VAL B 137 -11.37 -26.12 -18.88
CA VAL B 137 -10.90 -27.44 -18.45
C VAL B 137 -11.46 -28.52 -19.36
N MET B 138 -12.77 -28.49 -19.60
CA MET B 138 -13.36 -29.57 -20.39
C MET B 138 -13.03 -29.57 -21.87
N ASN B 139 -12.82 -28.39 -22.44
CA ASN B 139 -12.55 -28.32 -23.89
C ASN B 139 -11.06 -28.39 -24.29
N SER B 140 -10.16 -28.41 -23.32
CA SER B 140 -8.74 -28.49 -23.61
C SER B 140 -8.37 -29.85 -24.20
N GLU B 141 -7.38 -29.85 -25.08
CA GLU B 141 -6.89 -31.08 -25.70
C GLU B 141 -6.24 -31.96 -24.63
N GLU B 142 -5.31 -31.36 -23.88
CA GLU B 142 -4.62 -32.07 -22.81
C GLU B 142 -5.27 -31.72 -21.48
N LYS B 143 -4.89 -32.40 -20.40
CA LYS B 143 -5.48 -32.09 -19.12
C LYS B 143 -5.02 -30.72 -18.64
N VAL B 144 -5.78 -30.15 -17.72
CA VAL B 144 -5.50 -28.80 -17.22
C VAL B 144 -5.25 -28.80 -15.72
N THR B 145 -4.26 -28.04 -15.30
CA THR B 145 -3.99 -27.84 -13.88
C THR B 145 -4.68 -26.55 -13.45
N ILE B 146 -5.40 -26.63 -12.35
CA ILE B 146 -6.07 -25.48 -11.83
C ILE B 146 -5.27 -25.00 -10.63
N CYS B 147 -4.84 -23.73 -10.64
CA CYS B 147 -4.14 -23.15 -9.51
C CYS B 147 -5.20 -22.29 -8.82
N VAL B 148 -5.64 -22.70 -7.62
CA VAL B 148 -6.70 -22.00 -6.89
C VAL B 148 -6.10 -21.25 -5.73
N THR B 149 -6.13 -19.92 -5.80
CA THR B 149 -5.54 -19.12 -4.74
C THR B 149 -6.59 -18.34 -3.96
N GLY B 150 -7.85 -18.52 -4.35
CA GLY B 150 -8.96 -17.90 -3.64
C GLY B 150 -9.82 -19.03 -3.10
N PRO B 151 -11.07 -18.74 -2.75
CA PRO B 151 -11.98 -19.77 -2.22
C PRO B 151 -12.26 -20.86 -3.26
N LEU B 152 -12.79 -21.99 -2.81
CA LEU B 152 -13.05 -23.13 -3.67
C LEU B 152 -14.45 -23.15 -4.32
N SER B 153 -15.15 -22.03 -4.23
CA SER B 153 -16.48 -21.94 -4.82
C SER B 153 -16.60 -22.27 -6.29
N ASN B 154 -15.59 -21.90 -7.08
CA ASN B 154 -15.70 -22.15 -8.52
C ASN B 154 -15.44 -23.58 -8.93
N VAL B 155 -14.45 -24.20 -8.30
CA VAL B 155 -14.15 -25.58 -8.56
C VAL B 155 -15.34 -26.44 -8.09
N ALA B 156 -15.94 -26.08 -6.96
CA ALA B 156 -17.10 -26.84 -6.42
C ALA B 156 -18.28 -26.74 -7.39
N TRP B 157 -18.46 -25.55 -7.95
CA TRP B 157 -19.58 -25.32 -8.88
C TRP B 157 -19.43 -26.22 -10.09
N CYS B 158 -18.19 -26.37 -10.58
CA CYS B 158 -17.95 -27.20 -11.75
C CYS B 158 -18.16 -28.66 -11.40
N ILE B 159 -17.80 -29.05 -10.18
CA ILE B 159 -18.00 -30.44 -9.77
C ILE B 159 -19.49 -30.69 -9.66
N ASP B 160 -20.22 -29.76 -9.05
CA ASP B 160 -21.66 -29.96 -8.90
C ASP B 160 -22.39 -30.04 -10.22
N LYS B 161 -22.01 -29.19 -11.16
CA LYS B 161 -22.71 -29.20 -12.43
C LYS B 161 -22.30 -30.30 -13.41
N TYR B 162 -21.00 -30.61 -13.51
CA TYR B 162 -20.48 -31.58 -14.46
C TYR B 162 -19.86 -32.88 -13.96
N GLY B 163 -19.70 -33.02 -12.65
CA GLY B 163 -19.14 -34.23 -12.12
C GLY B 163 -17.89 -34.71 -12.83
N GLU B 164 -17.84 -36.01 -13.10
CA GLU B 164 -16.69 -36.61 -13.73
C GLU B 164 -16.31 -36.01 -15.08
N LYS B 165 -17.27 -35.40 -15.79
CA LYS B 165 -16.94 -34.83 -17.11
C LYS B 165 -15.92 -33.69 -16.91
N PHE B 166 -15.96 -33.09 -15.73
CA PHE B 166 -15.02 -32.02 -15.37
C PHE B 166 -13.80 -32.60 -14.67
N THR B 167 -14.00 -33.37 -13.60
CA THR B 167 -12.83 -33.87 -12.88
C THR B 167 -11.87 -34.72 -13.67
N SER B 168 -12.36 -35.49 -14.65
CA SER B 168 -11.45 -36.34 -15.43
C SER B 168 -10.52 -35.56 -16.34
N LYS B 169 -10.82 -34.27 -16.55
CA LYS B 169 -10.00 -33.41 -17.40
C LYS B 169 -9.02 -32.57 -16.61
N VAL B 170 -9.08 -32.69 -15.29
CA VAL B 170 -8.17 -31.95 -14.40
C VAL B 170 -6.95 -32.79 -14.10
N GLU B 171 -5.77 -32.24 -14.42
CA GLU B 171 -4.50 -32.90 -14.15
C GLU B 171 -4.40 -32.95 -12.61
N GLU B 172 -4.43 -31.76 -12.02
CA GLU B 172 -4.45 -31.65 -10.57
C GLU B 172 -4.94 -30.26 -10.22
N CYS B 173 -5.43 -30.14 -8.99
CA CYS B 173 -5.92 -28.86 -8.49
C CYS B 173 -4.92 -28.49 -7.42
N VAL B 174 -4.18 -27.39 -7.59
CA VAL B 174 -3.19 -26.98 -6.57
C VAL B 174 -3.87 -25.85 -5.83
N ILE B 175 -4.12 -26.07 -4.55
CA ILE B 175 -4.94 -25.17 -3.74
C ILE B 175 -4.24 -24.48 -2.62
N MET B 176 -4.42 -23.16 -2.52
CA MET B 176 -3.90 -22.44 -1.35
C MET B 176 -5.10 -22.39 -0.42
N GLY B 177 -4.97 -23.06 0.73
CA GLY B 177 -6.06 -23.02 1.68
C GLY B 177 -5.95 -24.04 2.80
N GLY B 178 -6.65 -23.73 3.89
CA GLY B 178 -6.66 -24.63 5.06
C GLY B 178 -5.50 -24.54 6.02
N ALA B 179 -5.58 -25.36 7.06
CA ALA B 179 -4.54 -25.39 8.13
C ALA B 179 -4.83 -26.75 8.73
N VAL B 180 -3.86 -27.65 8.62
CA VAL B 180 -4.06 -29.02 9.06
C VAL B 180 -3.48 -29.32 10.44
N ASP B 181 -2.16 -29.17 10.58
CA ASP B 181 -1.45 -29.43 11.84
C ASP B 181 -0.92 -28.13 12.45
N VAL B 182 -1.55 -27.03 12.06
CA VAL B 182 -1.20 -25.72 12.62
C VAL B 182 -2.46 -24.93 12.81
N ARG B 183 -2.33 -23.85 13.57
CA ARG B 183 -3.45 -22.98 13.83
C ARG B 183 -3.93 -22.29 12.54
N GLY B 184 -5.18 -21.87 12.50
CA GLY B 184 -5.67 -21.15 11.32
C GLY B 184 -5.36 -19.64 11.42
N ASN B 185 -6.04 -18.83 10.60
CA ASN B 185 -5.83 -17.39 10.67
C ASN B 185 -7.12 -16.61 10.72
N VAL B 186 -8.25 -17.28 10.96
CA VAL B 186 -9.54 -16.57 11.02
C VAL B 186 -9.86 -16.33 12.50
N PHE B 187 -9.53 -15.14 12.98
CA PHE B 187 -9.74 -14.74 14.37
C PHE B 187 -10.79 -13.62 14.44
N LEU B 188 -12.00 -14.03 14.77
CA LEU B 188 -13.15 -13.13 14.85
C LEU B 188 -13.83 -13.43 16.20
N PRO B 189 -14.68 -12.51 16.68
CA PRO B 189 -15.35 -12.76 17.96
C PRO B 189 -16.17 -14.07 17.94
N SER B 190 -16.59 -14.51 16.75
CA SER B 190 -17.38 -15.74 16.65
C SER B 190 -16.59 -17.02 16.34
N THR B 191 -15.28 -16.92 16.17
CA THR B 191 -14.52 -18.12 15.80
C THR B 191 -13.43 -18.50 16.78
N ASP B 192 -12.91 -19.72 16.63
CA ASP B 192 -11.87 -20.18 17.53
C ASP B 192 -10.47 -20.20 16.96
N GLY B 193 -10.29 -19.59 15.79
CA GLY B 193 -8.97 -19.53 15.19
C GLY B 193 -8.45 -20.79 14.53
N THR B 194 -9.28 -21.81 14.37
CA THR B 194 -8.82 -23.04 13.74
C THR B 194 -8.92 -23.03 12.20
N ALA B 195 -9.74 -22.14 11.66
CA ALA B 195 -9.96 -22.05 10.21
C ALA B 195 -9.05 -21.06 9.50
N GLU B 196 -8.91 -21.29 8.20
CA GLU B 196 -8.12 -20.42 7.31
C GLU B 196 -9.10 -19.69 6.40
N TRP B 197 -8.78 -18.45 6.04
CA TRP B 197 -9.68 -17.61 5.26
C TRP B 197 -10.29 -18.09 3.98
N ASN B 198 -9.50 -18.67 3.09
CA ASN B 198 -10.07 -19.15 1.82
C ASN B 198 -11.16 -20.21 2.00
N ILE B 199 -10.98 -21.07 2.99
CA ILE B 199 -11.95 -22.13 3.26
C ILE B 199 -13.14 -21.54 4.02
N TYR B 200 -12.85 -20.66 4.98
CA TYR B 200 -13.90 -20.03 5.77
C TYR B 200 -14.86 -19.23 4.89
N TRP B 201 -14.35 -18.64 3.80
CA TRP B 201 -15.20 -17.85 2.91
C TRP B 201 -16.40 -18.67 2.37
N ASP B 202 -16.17 -19.95 2.07
CA ASP B 202 -17.23 -20.83 1.56
C ASP B 202 -16.90 -22.28 1.98
N PRO B 203 -17.27 -22.65 3.20
CA PRO B 203 -16.98 -24.01 3.67
C PRO B 203 -17.57 -25.15 2.86
N ALA B 204 -18.85 -25.03 2.52
CA ALA B 204 -19.52 -26.10 1.77
C ALA B 204 -18.85 -26.38 0.45
N SER B 205 -18.41 -25.33 -0.24
CA SER B 205 -17.75 -25.56 -1.52
C SER B 205 -16.44 -26.29 -1.28
N ALA B 206 -15.72 -25.88 -0.24
CA ALA B 206 -14.47 -26.56 0.05
C ALA B 206 -14.76 -28.03 0.42
N LYS B 207 -15.84 -28.29 1.15
CA LYS B 207 -16.15 -29.68 1.51
C LYS B 207 -16.31 -30.52 0.25
N THR B 208 -17.04 -29.97 -0.70
CA THR B 208 -17.25 -30.65 -1.96
C THR B 208 -15.94 -30.96 -2.68
N VAL B 209 -15.03 -29.99 -2.73
CA VAL B 209 -13.76 -30.20 -3.39
C VAL B 209 -12.87 -31.21 -2.69
N PHE B 210 -12.67 -31.06 -1.38
CA PHE B 210 -11.78 -31.97 -0.65
C PHE B 210 -12.31 -33.42 -0.51
N GLY B 211 -13.62 -33.58 -0.69
CA GLY B 211 -14.19 -34.93 -0.57
C GLY B 211 -14.47 -35.56 -1.95
N CYS B 212 -14.09 -34.88 -3.02
CA CYS B 212 -14.34 -35.44 -4.37
C CYS B 212 -13.35 -36.53 -4.76
N PRO B 213 -13.85 -37.76 -5.00
CA PRO B 213 -12.92 -38.81 -5.39
C PRO B 213 -12.52 -38.58 -6.85
N GLY B 214 -11.42 -39.14 -7.31
CA GLY B 214 -11.14 -38.86 -8.73
C GLY B 214 -10.68 -37.43 -9.06
N LEU B 215 -10.34 -36.63 -8.04
CA LEU B 215 -9.78 -35.29 -8.28
C LEU B 215 -8.49 -35.30 -7.50
N ARG B 216 -7.37 -35.06 -8.19
CA ARG B 216 -6.08 -35.02 -7.53
C ARG B 216 -5.92 -33.59 -7.00
N ARG B 217 -5.65 -33.51 -5.71
CA ARG B 217 -5.51 -32.21 -5.04
C ARG B 217 -4.15 -32.09 -4.35
N ILE B 218 -3.48 -30.97 -4.58
CA ILE B 218 -2.24 -30.62 -3.89
C ILE B 218 -2.69 -29.47 -3.00
N MET B 219 -2.39 -29.55 -1.71
CA MET B 219 -2.84 -28.53 -0.76
C MET B 219 -1.75 -27.76 -0.07
N PHE B 220 -1.67 -26.47 -0.38
CA PHE B 220 -0.74 -25.60 0.33
C PHE B 220 -1.52 -24.94 1.47
N SER B 221 -1.52 -25.60 2.62
CA SER B 221 -2.20 -25.08 3.79
C SER B 221 -1.20 -24.23 4.58
N LEU B 222 -1.65 -23.64 5.69
CA LEU B 222 -0.75 -22.79 6.47
C LEU B 222 0.45 -23.58 7.00
N ASP B 223 0.32 -24.90 7.06
CA ASP B 223 1.45 -25.74 7.50
C ASP B 223 2.71 -25.47 6.71
N SER B 224 2.53 -25.24 5.41
CA SER B 224 3.66 -24.96 4.54
C SER B 224 3.88 -23.47 4.34
N THR B 225 2.79 -22.71 4.18
CA THR B 225 2.99 -21.28 3.91
C THR B 225 3.61 -20.51 5.07
N ASN B 226 3.34 -20.97 6.29
CA ASN B 226 3.89 -20.33 7.48
C ASN B 226 5.41 -20.35 7.49
N THR B 227 6.03 -21.25 6.75
CA THR B 227 7.49 -21.35 6.81
C THR B 227 8.25 -20.49 5.81
N VAL B 228 7.54 -19.74 4.98
CA VAL B 228 8.17 -18.86 4.00
C VAL B 228 7.57 -17.46 4.02
N PRO B 229 7.79 -16.68 5.12
CA PRO B 229 7.30 -15.31 5.36
C PRO B 229 7.81 -14.19 4.42
N VAL B 230 7.05 -13.09 4.29
CA VAL B 230 7.51 -11.95 3.46
C VAL B 230 8.43 -11.07 4.32
N ARG B 231 9.74 -11.09 4.04
CA ARG B 231 10.78 -10.30 4.79
C ARG B 231 11.38 -9.13 4.01
N SER B 232 11.61 -8.01 4.69
CA SER B 232 12.14 -6.83 4.01
C SER B 232 13.41 -6.92 3.17
N PRO B 233 14.48 -7.59 3.66
CA PRO B 233 15.66 -7.63 2.80
C PRO B 233 15.38 -8.30 1.47
N TYR B 234 14.58 -9.35 1.51
CA TYR B 234 14.25 -10.03 0.27
C TYR B 234 13.42 -9.11 -0.63
N VAL B 235 12.39 -8.49 -0.07
CA VAL B 235 11.56 -7.61 -0.91
C VAL B 235 12.39 -6.46 -1.51
N GLN B 236 13.36 -5.97 -0.73
CA GLN B 236 14.21 -4.88 -1.24
C GLN B 236 15.06 -5.32 -2.43
N ARG B 237 15.24 -6.63 -2.63
CA ARG B 237 16.03 -7.06 -3.79
C ARG B 237 15.35 -6.75 -5.13
N PHE B 238 14.02 -6.57 -5.14
CA PHE B 238 13.40 -6.20 -6.40
C PHE B 238 13.90 -4.80 -6.80
N GLY B 239 14.44 -4.02 -5.84
CA GLY B 239 15.02 -2.71 -6.15
C GLY B 239 16.30 -2.84 -6.98
N GLU B 240 16.88 -4.04 -7.01
CA GLU B 240 18.08 -4.25 -7.82
C GLU B 240 17.70 -4.50 -9.30
N GLN B 241 16.40 -4.60 -9.57
CA GLN B 241 15.88 -4.98 -10.90
C GLN B 241 14.83 -4.01 -11.44
N THR B 242 14.99 -2.71 -11.16
CA THR B 242 13.98 -1.75 -11.59
C THR B 242 13.90 -1.52 -13.08
N ASN B 243 14.81 -2.11 -13.85
CA ASN B 243 14.71 -1.97 -15.29
C ASN B 243 13.74 -3.03 -15.83
N PHE B 244 13.19 -3.84 -14.93
CA PHE B 244 12.23 -4.87 -15.31
C PHE B 244 10.88 -4.50 -14.74
N LEU B 245 9.89 -4.36 -15.62
CA LEU B 245 8.56 -3.99 -15.18
C LEU B 245 7.99 -4.93 -14.14
N LEU B 246 8.27 -6.23 -14.29
CA LEU B 246 7.67 -7.19 -13.35
C LEU B 246 8.28 -7.06 -11.98
N SER B 247 9.51 -6.56 -11.92
CA SER B 247 10.13 -6.39 -10.60
C SER B 247 9.55 -5.16 -9.90
N ILE B 248 9.25 -4.11 -10.68
CA ILE B 248 8.61 -2.95 -10.05
C ILE B 248 7.24 -3.43 -9.60
N LEU B 249 6.58 -4.24 -10.43
CA LEU B 249 5.25 -4.75 -10.04
C LEU B 249 5.24 -5.63 -8.80
N VAL B 250 6.03 -6.70 -8.80
CA VAL B 250 6.06 -7.63 -7.67
C VAL B 250 6.59 -6.97 -6.41
N GLY B 251 7.68 -6.20 -6.54
CA GLY B 251 8.23 -5.51 -5.38
C GLY B 251 7.23 -4.55 -4.72
N THR B 252 6.45 -3.87 -5.56
CA THR B 252 5.45 -2.94 -5.06
C THR B 252 4.33 -3.68 -4.35
N MET B 253 3.89 -4.83 -4.87
CA MET B 253 2.83 -5.53 -4.16
C MET B 253 3.29 -6.16 -2.84
N TRP B 254 4.52 -6.69 -2.79
CA TRP B 254 5.03 -7.32 -1.57
C TRP B 254 5.49 -6.26 -0.56
N ALA B 255 5.72 -5.05 -1.06
CA ALA B 255 6.14 -3.96 -0.21
C ALA B 255 4.99 -3.65 0.73
N MET B 256 3.77 -3.88 0.25
CA MET B 256 2.58 -3.63 1.07
C MET B 256 2.28 -4.82 1.99
N TYR B 269 1.53 -10.61 4.59
CA TYR B 269 2.59 -11.06 5.48
C TYR B 269 3.21 -12.45 5.15
N TYR B 270 2.51 -13.28 4.36
CA TYR B 270 3.06 -14.56 3.93
C TYR B 270 2.90 -14.72 2.43
N ALA B 271 3.80 -15.44 1.80
CA ALA B 271 3.71 -15.63 0.35
C ALA B 271 2.73 -16.77 0.03
N TRP B 272 1.60 -16.81 0.72
CA TRP B 272 0.65 -17.92 0.52
C TRP B 272 0.41 -18.40 -0.92
N ASP B 273 -0.17 -17.51 -1.71
CA ASP B 273 -0.53 -17.84 -3.07
C ASP B 273 0.64 -18.00 -4.00
N ALA B 274 1.67 -17.21 -3.75
CA ALA B 274 2.84 -17.29 -4.60
C ALA B 274 3.51 -18.67 -4.44
N LEU B 275 3.58 -19.20 -3.23
CA LEU B 275 4.18 -20.53 -3.03
C LEU B 275 3.42 -21.59 -3.81
N THR B 276 2.10 -21.48 -3.76
CA THR B 276 1.20 -22.39 -4.44
C THR B 276 1.46 -22.39 -5.97
N ALA B 277 1.57 -21.19 -6.52
CA ALA B 277 1.84 -21.08 -7.94
C ALA B 277 3.25 -21.55 -8.30
N ALA B 278 4.22 -21.34 -7.40
CA ALA B 278 5.58 -21.77 -7.68
C ALA B 278 5.62 -23.31 -7.84
N TYR B 279 4.79 -24.03 -7.08
CA TYR B 279 4.72 -25.50 -7.14
C TYR B 279 4.22 -25.91 -8.52
N VAL B 280 3.27 -25.15 -9.06
CA VAL B 280 2.72 -25.43 -10.38
C VAL B 280 3.85 -25.29 -11.42
N VAL B 281 4.71 -24.28 -11.24
CA VAL B 281 5.83 -24.07 -12.15
C VAL B 281 6.85 -25.21 -12.01
N ASP B 282 7.17 -25.57 -10.77
CA ASP B 282 8.16 -26.61 -10.52
C ASP B 282 7.83 -27.35 -9.21
N GLN B 283 7.52 -28.63 -9.29
CA GLN B 283 7.13 -29.33 -8.07
C GLN B 283 8.26 -29.54 -7.07
N LYS B 284 9.48 -29.16 -7.43
CA LYS B 284 10.57 -29.30 -6.48
C LYS B 284 10.37 -28.32 -5.31
N VAL B 285 9.40 -27.41 -5.47
CA VAL B 285 9.09 -26.45 -4.41
C VAL B 285 8.71 -27.18 -3.11
N ALA B 286 8.08 -28.36 -3.18
CA ALA B 286 7.73 -29.06 -1.96
C ALA B 286 7.37 -30.51 -2.16
N ASN B 287 7.60 -31.31 -1.11
CA ASN B 287 7.20 -32.70 -1.15
C ASN B 287 5.79 -32.66 -0.65
N VAL B 288 5.00 -33.70 -0.94
CA VAL B 288 3.62 -33.72 -0.50
C VAL B 288 3.31 -35.03 0.20
N ASP B 289 2.43 -35.00 1.19
CA ASP B 289 2.05 -36.22 1.90
C ASP B 289 0.54 -36.32 1.93
N PRO B 290 0.01 -37.52 1.61
CA PRO B 290 -1.44 -37.77 1.58
C PRO B 290 -2.12 -37.74 2.92
N VAL B 291 -3.22 -37.00 3.00
CA VAL B 291 -4.01 -36.87 4.22
C VAL B 291 -5.47 -36.76 3.79
N PRO B 292 -6.38 -37.46 4.46
CA PRO B 292 -7.80 -37.37 4.09
C PRO B 292 -8.29 -36.10 4.79
N ILE B 293 -8.72 -35.11 4.01
CA ILE B 293 -9.18 -33.82 4.52
C ILE B 293 -10.67 -33.58 4.41
N ASP B 294 -11.30 -33.27 5.53
CA ASP B 294 -12.72 -32.92 5.52
C ASP B 294 -12.80 -31.46 5.97
N VAL B 295 -13.99 -30.89 5.87
CA VAL B 295 -14.24 -29.49 6.21
C VAL B 295 -15.48 -29.33 7.08
N VAL B 296 -15.34 -28.53 8.13
CA VAL B 296 -16.46 -28.23 9.02
C VAL B 296 -17.33 -27.15 8.35
N VAL B 297 -18.59 -27.48 8.07
CA VAL B 297 -19.50 -26.53 7.43
C VAL B 297 -20.57 -26.00 8.38
N ASP B 298 -20.58 -26.48 9.61
CA ASP B 298 -21.57 -26.03 10.58
C ASP B 298 -21.27 -24.63 11.12
N LYS B 299 -22.33 -23.88 11.44
CA LYS B 299 -22.16 -22.55 11.98
C LYS B 299 -21.70 -22.61 13.44
N GLN B 300 -20.44 -23.01 13.59
CA GLN B 300 -19.81 -23.15 14.90
C GLN B 300 -18.51 -22.35 14.94
N PRO B 301 -17.88 -22.27 16.12
CA PRO B 301 -16.63 -21.52 16.22
C PRO B 301 -15.52 -22.02 15.27
N ASN B 302 -15.53 -23.32 14.96
CA ASN B 302 -14.53 -23.89 14.06
C ASN B 302 -15.01 -24.03 12.61
N GLU B 303 -16.04 -23.27 12.28
CA GLU B 303 -16.56 -23.25 10.89
C GLU B 303 -15.41 -23.00 9.91
N GLY B 304 -15.34 -23.81 8.86
CA GLY B 304 -14.28 -23.65 7.86
C GLY B 304 -13.00 -24.40 8.16
N ALA B 305 -12.91 -25.06 9.32
CA ALA B 305 -11.70 -25.79 9.63
C ALA B 305 -11.51 -26.99 8.70
N THR B 306 -10.26 -27.23 8.31
CA THR B 306 -9.93 -28.40 7.47
C THR B 306 -9.36 -29.40 8.46
N VAL B 307 -10.07 -30.51 8.62
CA VAL B 307 -9.66 -31.51 9.63
C VAL B 307 -9.34 -32.88 9.05
N ARG B 308 -8.48 -33.63 9.73
CA ARG B 308 -8.15 -34.99 9.28
C ARG B 308 -9.38 -35.86 9.60
N THR B 309 -9.75 -36.75 8.68
CA THR B 309 -10.87 -37.64 8.91
C THR B 309 -10.39 -39.08 8.77
N ASP B 310 -10.91 -39.96 9.63
CA ASP B 310 -10.55 -41.37 9.55
C ASP B 310 -11.68 -42.16 8.88
N ALA B 311 -12.64 -41.47 8.26
CA ALA B 311 -13.72 -42.20 7.59
C ALA B 311 -13.11 -43.13 6.55
N GLU B 312 -13.55 -44.38 6.56
CA GLU B 312 -12.99 -45.33 5.61
C GLU B 312 -13.14 -44.90 4.14
N ASN B 313 -12.07 -45.12 3.36
CA ASN B 313 -12.04 -44.81 1.93
C ASN B 313 -12.22 -43.35 1.59
N TYR B 314 -11.99 -42.47 2.56
CA TYR B 314 -12.14 -41.06 2.27
C TYR B 314 -10.99 -40.67 1.33
N PRO B 315 -11.25 -39.84 0.32
CA PRO B 315 -10.24 -39.40 -0.65
C PRO B 315 -9.03 -38.68 -0.05
N LEU B 316 -7.86 -38.96 -0.60
CA LEU B 316 -6.64 -38.35 -0.10
C LEU B 316 -6.32 -37.03 -0.77
N THR B 317 -5.69 -36.15 0.00
CA THR B 317 -5.24 -34.85 -0.49
C THR B 317 -3.75 -34.79 -0.21
N PHE B 318 -2.96 -34.32 -1.18
CA PHE B 318 -1.53 -34.27 -1.00
C PHE B 318 -1.13 -32.93 -0.43
N VAL B 319 -0.87 -32.94 0.87
CA VAL B 319 -0.54 -31.72 1.62
C VAL B 319 0.93 -31.39 1.47
N ALA B 320 1.24 -30.15 1.09
CA ALA B 320 2.64 -29.74 0.92
C ALA B 320 3.31 -29.67 2.28
N ARG B 321 4.56 -30.08 2.34
CA ARG B 321 5.32 -30.04 3.60
C ARG B 321 6.75 -29.56 3.34
N ASN B 322 7.29 -28.81 4.31
CA ASN B 322 8.67 -28.31 4.25
C ASN B 322 9.09 -27.77 2.92
N PRO B 323 8.41 -26.72 2.45
CA PRO B 323 8.76 -26.12 1.17
C PRO B 323 10.20 -25.61 1.08
N GLU B 324 10.75 -25.71 -0.11
CA GLU B 324 12.09 -25.22 -0.34
C GLU B 324 12.04 -23.71 -0.48
N ALA B 325 12.18 -23.01 0.64
CA ALA B 325 12.14 -21.54 0.68
C ALA B 325 13.07 -20.81 -0.28
N GLU B 326 14.37 -21.10 -0.24
CA GLU B 326 15.36 -20.46 -1.10
C GLU B 326 15.04 -20.66 -2.57
N PHE B 327 14.64 -21.89 -2.91
CA PHE B 327 14.32 -22.24 -4.28
C PHE B 327 13.18 -21.37 -4.77
N PHE B 328 12.16 -21.24 -3.93
CA PHE B 328 11.00 -20.41 -4.25
C PHE B 328 11.40 -18.93 -4.36
N LEU B 329 12.12 -18.43 -3.35
CA LEU B 329 12.50 -17.03 -3.39
C LEU B 329 13.33 -16.71 -4.64
N ASP B 330 14.25 -17.61 -5.02
CA ASP B 330 15.05 -17.38 -6.21
C ASP B 330 14.18 -17.44 -7.46
N MET B 331 13.24 -18.37 -7.49
CA MET B 331 12.34 -18.50 -8.63
C MET B 331 11.58 -17.20 -8.87
N LEU B 332 11.06 -16.62 -7.79
CA LEU B 332 10.27 -15.39 -7.96
C LEU B 332 11.14 -14.22 -8.44
N LEU B 333 12.34 -14.08 -7.88
CA LEU B 333 13.20 -12.99 -8.31
C LEU B 333 13.57 -13.11 -9.78
N ARG B 334 13.91 -14.33 -10.22
CA ARG B 334 14.27 -14.58 -11.62
C ARG B 334 13.07 -14.35 -12.51
N SER B 335 11.93 -14.90 -12.13
CA SER B 335 10.71 -14.75 -12.91
C SER B 335 10.36 -13.27 -13.12
N ALA B 336 10.66 -12.44 -12.11
CA ALA B 336 10.37 -11.01 -12.19
C ALA B 336 11.33 -10.27 -13.13
N ARG B 337 12.23 -11.02 -13.78
CA ARG B 337 13.10 -10.40 -14.80
C ARG B 337 12.62 -10.81 -16.21
N ALA B 338 11.47 -11.47 -16.32
CA ALA B 338 10.97 -11.85 -17.66
C ALA B 338 10.69 -10.63 -18.56
N CYS B 339 10.34 -9.49 -17.95
CA CYS B 339 10.13 -8.23 -18.66
C CYS B 339 9.98 -7.13 -17.60
CA CA C . 1.24 14.40 7.84
NI NI D . 18.49 3.55 12.88
N9 NOS E . -4.14 11.58 8.38
C4 NOS E . -4.19 10.33 7.81
N3 NOS E . -3.19 9.55 7.26
C2 NOS E . -3.63 8.37 6.81
N1 NOS E . -4.95 7.98 6.89
C6 NOS E . -5.99 8.74 7.45
O6 NOS E . -7.13 8.29 7.46
C5 NOS E . -5.54 10.01 7.94
N7 NOS E . -6.25 11.00 8.54
C8 NOS E . -5.36 11.98 8.81
C5' NOS E . -4.65 15.22 8.25
O5' NOS E . -5.48 15.26 9.42
C4' NOS E . -3.20 15.00 8.70
O4' NOS E . -3.09 13.73 9.45
C1' NOS E . -2.72 12.64 8.57
C2' NOS E . -2.15 13.40 7.30
O2' NOS E . -0.77 13.01 7.02
C3' NOS E . -2.22 14.94 7.56
O3' NOS E . -0.92 15.49 7.98
N9 NOS F . -17.72 10.69 16.65
C4 NOS F . -17.93 10.66 15.27
N3 NOS F . -18.02 9.58 14.39
C2 NOS F . -18.23 9.97 13.11
N1 NOS F . -18.35 11.31 12.75
C6 NOS F . -18.26 12.41 13.63
O6 NOS F . -18.39 13.56 13.18
C5 NOS F . -18.03 12.03 14.98
N7 NOS F . -17.89 12.79 16.09
C8 NOS F . -17.70 11.96 17.14
C5' NOS F . -16.99 6.71 15.79
O5' NOS F . -15.63 6.74 15.35
C4' NOS F . -17.01 7.20 17.23
O4' NOS F . -16.50 8.58 17.27
C1' NOS F . -17.55 9.54 17.60
C2' NOS F . -18.80 8.67 17.88
O2' NOS F . -19.48 9.03 19.11
C3' NOS F . -18.38 7.17 17.84
O3' NOS F . -18.31 6.59 19.19
N9 NOS G . 19.11 -0.06 10.94
C4 NOS G . 20.41 0.33 10.68
N3 NOS G . 21.38 -0.27 9.89
C2 NOS G . 22.53 0.41 9.89
N1 NOS G . 22.71 1.56 10.62
C6 NOS G . 21.76 2.19 11.43
O6 NOS G . 22.06 3.20 12.03
C5 NOS G . 20.52 1.50 11.45
N7 NOS G . 19.35 1.80 12.11
C8 NOS G . 18.48 0.80 11.80
C5' NOS G . 20.74 -3.10 9.14
O5' NOS G . 21.62 -3.55 10.18
C4' NOS G . 19.27 -3.29 9.60
O4' NOS G . 18.97 -2.51 10.82
C1' NOS G . 18.41 -1.20 10.46
C2' NOS G . 18.11 -1.32 8.93
O2' NOS G . 16.83 -0.78 8.52
C3' NOS G . 18.29 -2.83 8.56
O3' NOS G . 16.99 -3.48 8.72
CA CA H . -5.70 -15.28 -2.42
N9 NOS I . -5.37 -13.41 3.22
C4 NOS I . -4.89 -12.13 3.27
N3 NOS I . -4.64 -11.24 2.23
C2 NOS I . -4.18 -10.05 2.67
N1 NOS I . -3.99 -9.77 4.01
C6 NOS I . -4.25 -10.66 5.07
O6 NOS I . -4.05 -10.30 6.22
C5 NOS I . -4.74 -11.92 4.62
N7 NOS I . -5.09 -13.01 5.36
C8 NOS I . -5.48 -13.96 4.48
C5' NOS I . -4.46 -16.89 3.21
O5' NOS I . -5.32 -17.26 4.31
C4' NOS I . -5.31 -16.64 1.97
O4' NOS I . -6.30 -15.58 2.25
C1' NOS I . -5.75 -14.28 1.85
C2' NOS I . -4.56 -14.65 0.88
O2' NOS I . -4.72 -14.07 -0.46
C3' NOS I . -4.48 -16.22 0.78
O3' NOS I . -5.04 -16.70 -0.48
#